data_7KQI
#
_entry.id   7KQI
#
_cell.length_a   128.100
_cell.length_b   128.100
_cell.length_c   235.280
_cell.angle_alpha   90.000
_cell.angle_beta   90.000
_cell.angle_gamma   120.000
#
_symmetry.space_group_name_H-M   'P 61 2 2'
#
loop_
_entity.id
_entity.type
_entity.pdbx_description
1 polymer '1209 Fab heavy chain'
2 polymer '1209 Fab light chain'
3 polymer Hemagglutinin
4 branched beta-D-mannopyranose-(1-4)-2-acetamido-2-deoxy-beta-D-glucopyranose-(1-4)-2-acetamido-2-deoxy-beta-D-glucopyranose
5 branched beta-D-mannopyranose-(1-4)-2-acetamido-2-deoxy-beta-D-glucopyranose-(1-6)-2-acetamido-2-deoxy-beta-D-glucopyranose
#
loop_
_entity_poly.entity_id
_entity_poly.type
_entity_poly.pdbx_seq_one_letter_code
_entity_poly.pdbx_strand_id
1 'polypeptide(L)'
;ASEVQLVESGGGLVQPGRSLRLSCAASGFTFDDFTMHWVRQVPGKGLEWISSINWKGNALDYAGSVRGRFAISRDNAKNS
LYLQMNSLRVEDTALYYCAKDFRSSSSMDYFYYYGMGVWGQGTTVIVSGASTKGPSVFPLAPSSKSTSGGTAALGCLVKD
YFPEPVTVSWNSGALTSGVHTFPAVLQSSGLYSLSSVVTVPSSSLGTQTYICNVNHKPSNTKVDKRVEPKSCDKHHHHHH
;
A
2 'polypeptide(L)'
;ASDIQMTQSPSSLSASVGDRVTITCQASQDIRQCLNWYQQKPGKPPKLLIYDASTLETGVPSRFSGRGSGTHFTFTISSL
QAEDVATYYCQQFANVPLAFGGGTKVEIKRTVAAPSVFIFPPSDEQLKSGTASVVCLLNNFYPREAKVQWKVDNALQSGN
SQESVTEQDSKDSTYSLSSTLTLSKADYEKHKVYACEVTHQGLSSPVTKSFNRGEC
;
C
3 'polypeptide(L)'
;PLTTTPTKSHFANLKGTKTRGKLCPNCLNCTDLDVALGRPMCMGTIPSAKASILHEVRPVTSGCFPIMHDRTKIRQLPNL
LRGYENIRLSTHNVINAERAPGGPYRLGTSGSCPNVTSRNGFFATMAWAVPRDNKTATNPLTVEVPYICTKGEDQITVWG
FHSDDKTQMKNLYGDSNPQKFTSSANGVTTHYVSQIGDFPNQTEDGGLPQSGRIVVDYMVQKPGKTGTIVYQRGVLLPQK
VWCASGRSKVIKGSLPLIGEADCLHEKYGGLNKSKPYYTGEHAKAIGNCPIWVKTPLK
;
B
#
# COMPACT_ATOMS: atom_id res chain seq x y z
N VAL A 4 3.22 14.72 1.05
CA VAL A 4 3.48 13.32 1.37
C VAL A 4 4.44 12.73 0.33
N GLN A 5 5.51 12.11 0.80
CA GLN A 5 6.50 11.50 -0.07
C GLN A 5 6.88 10.13 0.47
N LEU A 6 7.15 9.20 -0.46
CA LEU A 6 7.66 7.89 -0.13
C LEU A 6 8.77 7.56 -1.13
N VAL A 7 9.98 7.32 -0.62
CA VAL A 7 11.15 7.12 -1.45
C VAL A 7 11.72 5.73 -1.17
N GLU A 8 11.76 4.89 -2.20
CA GLU A 8 12.35 3.56 -2.09
C GLU A 8 13.81 3.61 -2.51
N SER A 9 14.66 2.87 -1.79
CA SER A 9 16.08 2.87 -2.07
C SER A 9 16.68 1.54 -1.64
N GLY A 10 17.77 1.14 -2.32
CA GLY A 10 18.51 -0.05 -1.99
C GLY A 10 18.35 -1.20 -2.95
N GLY A 11 17.58 -1.05 -4.02
CA GLY A 11 17.36 -2.13 -4.97
C GLY A 11 18.40 -2.14 -6.08
N GLY A 12 18.79 -3.36 -6.49
CA GLY A 12 19.79 -3.53 -7.52
C GLY A 12 19.98 -4.96 -7.96
N LEU A 13 21.22 -5.31 -8.32
CA LEU A 13 21.55 -6.65 -8.79
C LEU A 13 22.15 -7.45 -7.65
N VAL A 14 21.63 -8.67 -7.44
CA VAL A 14 22.00 -9.52 -6.31
C VAL A 14 22.03 -10.97 -6.79
N GLN A 15 22.76 -11.81 -6.05
CA GLN A 15 22.75 -13.24 -6.38
C GLN A 15 21.47 -13.89 -5.89
N PRO A 16 21.09 -15.01 -6.50
CA PRO A 16 20.01 -15.83 -5.93
C PRO A 16 20.46 -16.46 -4.61
N GLY A 17 19.71 -16.20 -3.54
CA GLY A 17 19.99 -16.76 -2.24
C GLY A 17 20.68 -15.82 -1.26
N ARG A 18 21.22 -14.70 -1.73
CA ARG A 18 21.93 -13.77 -0.86
C ARG A 18 20.92 -12.84 -0.17
N SER A 19 21.42 -11.78 0.46
CA SER A 19 20.60 -10.88 1.25
C SER A 19 20.71 -9.44 0.75
N LEU A 20 19.66 -8.68 1.00
CA LEU A 20 19.58 -7.27 0.63
C LEU A 20 18.49 -6.64 1.47
N ARG A 21 18.50 -5.31 1.56
CA ARG A 21 17.49 -4.62 2.37
C ARG A 21 17.13 -3.29 1.71
N LEU A 22 15.83 -3.07 1.54
CA LEU A 22 15.31 -1.82 1.02
C LEU A 22 14.99 -0.86 2.15
N SER A 23 15.00 0.44 1.82
CA SER A 23 14.68 1.48 2.79
C SER A 23 13.64 2.42 2.19
N CYS A 24 12.65 2.79 2.99
CA CYS A 24 11.57 3.69 2.58
C CYS A 24 11.59 4.88 3.51
N ALA A 25 12.19 5.99 3.07
CA ALA A 25 12.26 7.20 3.87
C ALA A 25 10.98 8.01 3.70
N ALA A 26 10.23 8.17 4.78
CA ALA A 26 8.96 8.87 4.76
C ALA A 26 9.12 10.30 5.27
N SER A 27 8.25 11.18 4.79
CA SER A 27 8.23 12.56 5.23
C SER A 27 6.92 13.19 4.79
N GLY A 28 6.46 14.17 5.57
CA GLY A 28 5.24 14.90 5.27
C GLY A 28 4.01 14.46 6.02
N PHE A 29 4.11 13.41 6.84
CA PHE A 29 2.98 12.99 7.66
C PHE A 29 3.52 12.25 8.87
N THR A 30 2.66 12.09 9.88
CA THR A 30 3.04 11.40 11.12
C THR A 30 3.20 9.93 10.81
N PHE A 31 4.46 9.48 10.66
CA PHE A 31 4.72 8.13 10.20
C PHE A 31 4.33 7.08 11.24
N ASP A 32 4.52 7.39 12.52
CA ASP A 32 4.22 6.38 13.53
C ASP A 32 2.72 6.17 13.75
N ASP A 33 1.85 6.87 13.05
CA ASP A 33 0.42 6.65 13.28
C ASP A 33 -0.18 5.64 12.30
N PHE A 34 0.49 5.37 11.19
CA PHE A 34 -0.09 4.59 10.11
C PHE A 34 0.62 3.26 9.93
N THR A 35 -0.09 2.34 9.31
CA THR A 35 0.45 1.05 8.93
C THR A 35 1.09 1.17 7.56
N MET A 36 2.15 0.40 7.33
CA MET A 36 2.92 0.52 6.10
C MET A 36 2.91 -0.79 5.33
N HIS A 37 3.04 -0.68 4.01
CA HIS A 37 2.85 -1.80 3.09
C HIS A 37 4.06 -1.96 2.19
N TRP A 38 4.09 -3.11 1.51
CA TRP A 38 5.07 -3.40 0.48
C TRP A 38 4.37 -4.14 -0.64
N VAL A 39 4.50 -3.64 -1.87
CA VAL A 39 3.90 -4.25 -3.05
C VAL A 39 4.94 -4.28 -4.17
N ARG A 40 5.15 -5.44 -4.77
CA ARG A 40 6.09 -5.58 -5.87
C ARG A 40 5.35 -5.79 -7.18
N GLN A 41 6.03 -5.45 -8.27
CA GLN A 41 5.45 -5.55 -9.60
C GLN A 41 6.57 -5.96 -10.57
N VAL A 42 6.68 -7.25 -10.83
CA VAL A 42 7.64 -7.72 -11.83
C VAL A 42 7.28 -7.08 -13.18
N PRO A 43 8.25 -6.62 -13.97
CA PRO A 43 7.91 -5.91 -15.20
C PRO A 43 7.01 -6.73 -16.11
N GLY A 44 5.91 -6.11 -16.55
CA GLY A 44 4.93 -6.72 -17.41
C GLY A 44 3.69 -7.23 -16.69
N LYS A 45 3.85 -7.70 -15.46
CA LYS A 45 2.73 -8.22 -14.68
C LYS A 45 2.18 -7.13 -13.76
N GLY A 46 1.17 -7.50 -12.98
CA GLY A 46 0.45 -6.56 -12.14
C GLY A 46 1.05 -6.43 -10.75
N LEU A 47 0.22 -5.94 -9.84
CA LEU A 47 0.65 -5.66 -8.47
C LEU A 47 0.54 -6.93 -7.61
N GLU A 48 1.55 -7.15 -6.78
CA GLU A 48 1.57 -8.28 -5.87
C GLU A 48 1.95 -7.79 -4.48
N TRP A 49 1.09 -8.05 -3.50
CA TRP A 49 1.33 -7.62 -2.14
C TRP A 49 2.44 -8.46 -1.50
N ILE A 50 3.37 -7.78 -0.82
CA ILE A 50 4.50 -8.47 -0.20
C ILE A 50 4.27 -8.62 1.30
N SER A 51 4.17 -7.49 1.99
CA SER A 51 4.10 -7.50 3.45
C SER A 51 3.43 -6.21 3.91
N SER A 52 3.04 -6.21 5.19
CA SER A 52 2.39 -5.05 5.79
C SER A 52 2.71 -5.02 7.28
N ILE A 53 3.28 -3.92 7.74
CA ILE A 53 3.54 -3.70 9.16
C ILE A 53 2.62 -2.58 9.65
N ASN A 54 2.17 -2.71 10.89
CA ASN A 54 1.26 -1.72 11.47
C ASN A 54 2.07 -0.54 11.99
N TRP A 55 1.42 0.35 12.74
CA TRP A 55 2.12 1.55 13.22
C TRP A 55 3.17 1.20 14.26
N LYS A 56 2.99 0.10 14.98
CA LYS A 56 4.04 -0.47 15.78
C LYS A 56 4.80 -1.53 14.98
N GLY A 57 5.74 -2.20 15.64
CA GLY A 57 6.39 -3.35 15.06
C GLY A 57 5.84 -4.63 15.64
N ASN A 58 4.68 -4.52 16.30
CA ASN A 58 4.10 -5.65 17.02
C ASN A 58 3.45 -6.68 16.10
N ALA A 59 2.87 -6.23 14.99
CA ALA A 59 2.12 -7.11 14.10
C ALA A 59 2.81 -7.17 12.74
N LEU A 60 3.07 -8.38 12.25
CA LEU A 60 3.70 -8.60 10.96
C LEU A 60 2.88 -9.60 10.16
N ASP A 61 2.55 -9.24 8.92
CA ASP A 61 1.85 -10.12 8.00
C ASP A 61 2.70 -10.33 6.75
N TYR A 62 2.76 -11.58 6.29
CA TYR A 62 3.58 -11.94 5.14
C TYR A 62 2.78 -12.78 4.16
N ALA A 63 2.92 -12.47 2.87
CA ALA A 63 2.41 -13.35 1.84
C ALA A 63 3.18 -14.67 1.86
N GLY A 64 2.52 -15.73 1.39
CA GLY A 64 3.11 -17.07 1.52
C GLY A 64 4.42 -17.21 0.80
N SER A 65 4.54 -16.62 -0.39
CA SER A 65 5.76 -16.77 -1.19
C SER A 65 6.99 -16.21 -0.48
N VAL A 66 6.81 -15.27 0.44
CA VAL A 66 7.92 -14.62 1.10
C VAL A 66 8.01 -14.96 2.58
N ARG A 67 7.02 -15.65 3.14
CA ARG A 67 7.01 -15.96 4.56
C ARG A 67 8.21 -16.82 4.92
N GLY A 68 8.93 -16.40 5.97
CA GLY A 68 10.13 -17.09 6.41
C GLY A 68 11.40 -16.60 5.77
N ARG A 69 11.32 -15.94 4.62
CA ARG A 69 12.49 -15.41 3.92
C ARG A 69 12.65 -13.91 4.09
N PHE A 70 11.55 -13.16 4.02
CA PHE A 70 11.59 -11.71 4.16
C PHE A 70 11.27 -11.32 5.59
N ALA A 71 11.59 -10.07 5.92
CA ALA A 71 11.32 -9.54 7.25
C ALA A 71 11.00 -8.05 7.13
N ILE A 72 9.86 -7.65 7.69
CA ILE A 72 9.43 -6.25 7.66
C ILE A 72 9.68 -5.63 9.02
N SER A 73 10.06 -4.36 9.00
CA SER A 73 10.32 -3.61 10.23
C SER A 73 10.20 -2.13 9.91
N ARG A 74 10.24 -1.31 10.95
CA ARG A 74 10.10 0.13 10.76
C ARG A 74 10.77 0.85 11.93
N ASP A 75 11.15 2.10 11.68
CA ASP A 75 11.71 2.97 12.70
C ASP A 75 10.87 4.24 12.73
N ASN A 76 10.06 4.39 13.78
CA ASN A 76 9.15 5.54 13.86
C ASN A 76 9.89 6.84 14.18
N ALA A 77 11.12 6.76 14.69
CA ALA A 77 11.89 7.97 14.94
C ALA A 77 12.45 8.54 13.64
N LYS A 78 13.14 7.71 12.85
CA LYS A 78 13.65 8.11 11.54
C LYS A 78 12.67 7.86 10.43
N ASN A 79 11.40 7.61 10.75
CA ASN A 79 10.29 7.44 9.81
C ASN A 79 10.70 6.67 8.55
N SER A 80 11.23 5.46 8.77
CA SER A 80 11.70 4.61 7.70
C SER A 80 11.06 3.23 7.80
N LEU A 81 10.57 2.73 6.67
CA LEU A 81 10.06 1.37 6.55
C LEU A 81 11.13 0.49 5.93
N TYR A 82 11.25 -0.74 6.44
CA TYR A 82 12.32 -1.64 6.02
C TYR A 82 11.72 -2.97 5.58
N LEU A 83 12.52 -3.69 4.78
CA LEU A 83 12.13 -5.01 4.27
C LEU A 83 13.41 -5.79 4.02
N GLN A 84 13.75 -6.69 4.93
CA GLN A 84 14.97 -7.48 4.82
C GLN A 84 14.65 -8.80 4.12
N MET A 85 15.09 -8.93 2.87
CA MET A 85 14.84 -10.10 2.05
C MET A 85 16.03 -11.04 2.13
N ASN A 86 15.75 -12.32 2.39
CA ASN A 86 16.80 -13.33 2.54
C ASN A 86 16.44 -14.54 1.69
N SER A 87 17.48 -15.31 1.34
CA SER A 87 17.34 -16.49 0.48
C SER A 87 16.62 -16.12 -0.81
N LEU A 88 17.15 -15.11 -1.49
CA LEU A 88 16.47 -14.52 -2.63
C LEU A 88 16.35 -15.51 -3.77
N ARG A 89 15.23 -15.41 -4.50
CA ARG A 89 14.96 -16.21 -5.67
C ARG A 89 14.81 -15.29 -6.88
N VAL A 90 15.01 -15.85 -8.07
CA VAL A 90 14.95 -15.03 -9.29
C VAL A 90 13.56 -14.47 -9.50
N GLU A 91 12.52 -15.16 -9.01
CA GLU A 91 11.17 -14.62 -9.06
C GLU A 91 10.88 -13.63 -7.94
N ASP A 92 11.88 -13.27 -7.12
CA ASP A 92 11.80 -12.04 -6.34
C ASP A 92 12.19 -10.80 -7.14
N THR A 93 12.61 -10.97 -8.39
CA THR A 93 12.93 -9.85 -9.26
C THR A 93 11.64 -9.09 -9.58
N ALA A 94 11.53 -7.86 -9.11
CA ALA A 94 10.33 -7.06 -9.32
C ALA A 94 10.64 -5.61 -8.95
N LEU A 95 9.67 -4.74 -9.24
CA LEU A 95 9.71 -3.34 -8.83
C LEU A 95 8.95 -3.21 -7.52
N TYR A 96 9.67 -2.89 -6.44
CA TYR A 96 9.13 -2.96 -5.10
C TYR A 96 8.61 -1.58 -4.69
N TYR A 97 7.29 -1.47 -4.51
CA TYR A 97 6.64 -0.23 -4.12
C TYR A 97 6.51 -0.14 -2.61
N CYS A 98 6.63 1.07 -2.09
CA CYS A 98 6.39 1.38 -0.69
C CYS A 98 5.07 2.16 -0.59
N ALA A 99 4.17 1.71 0.28
CA ALA A 99 2.81 2.22 0.29
C ALA A 99 2.38 2.63 1.70
N LYS A 100 1.66 3.75 1.78
CA LYS A 100 1.05 4.21 3.01
C LYS A 100 -0.40 3.76 3.05
N ASP A 101 -0.83 3.25 4.19
CA ASP A 101 -2.25 3.01 4.38
C ASP A 101 -2.91 4.32 4.82
N PHE A 102 -4.06 4.64 4.22
CA PHE A 102 -4.67 5.92 4.55
C PHE A 102 -5.16 5.95 5.99
N ARG A 103 -5.74 4.86 6.47
CA ARG A 103 -6.38 4.88 7.78
C ARG A 103 -5.35 4.75 8.89
N SER A 104 -5.43 5.66 9.87
CA SER A 104 -4.60 5.58 11.05
C SER A 104 -5.20 4.59 12.04
N SER A 105 -5.46 3.37 11.57
CA SER A 105 -6.15 2.37 12.37
C SER A 105 -5.17 1.74 13.35
N SER A 106 -5.33 2.07 14.63
CA SER A 106 -4.64 1.36 15.70
C SER A 106 -5.40 0.08 16.03
N SER A 107 -5.49 -0.79 15.02
CA SER A 107 -6.21 -2.05 15.18
C SER A 107 -5.53 -2.95 16.21
N MET A 108 -4.21 -3.08 16.10
CA MET A 108 -3.37 -3.78 17.07
C MET A 108 -3.59 -5.28 17.06
N ASP A 109 -4.62 -5.76 16.36
CA ASP A 109 -4.85 -7.18 16.17
C ASP A 109 -4.87 -7.57 14.71
N TYR A 110 -5.75 -6.96 13.91
CA TYR A 110 -6.06 -7.39 12.55
C TYR A 110 -6.80 -6.24 11.88
N PHE A 111 -6.80 -6.25 10.55
CA PHE A 111 -7.59 -5.35 9.72
C PHE A 111 -7.07 -3.91 9.74
N TYR A 112 -5.83 -3.70 10.17
CA TYR A 112 -5.22 -2.37 10.15
C TYR A 112 -4.86 -1.91 8.74
N TYR A 113 -5.01 -2.79 7.75
CA TYR A 113 -4.70 -2.51 6.35
C TYR A 113 -5.96 -2.09 5.62
N TYR A 114 -5.85 -1.08 4.78
CA TYR A 114 -7.00 -0.51 4.09
C TYR A 114 -6.53 -0.02 2.73
N GLY A 115 -7.31 0.88 2.13
CA GLY A 115 -6.91 1.60 0.94
C GLY A 115 -5.55 2.28 1.08
N MET A 116 -4.61 1.90 0.23
CA MET A 116 -3.26 2.45 0.28
C MET A 116 -3.25 3.74 -0.51
N GLY A 117 -3.31 4.87 0.20
CA GLY A 117 -3.46 6.16 -0.45
C GLY A 117 -2.23 6.61 -1.22
N VAL A 118 -1.05 6.48 -0.61
CA VAL A 118 0.17 7.08 -1.13
C VAL A 118 1.15 5.98 -1.49
N TRP A 119 1.72 6.06 -2.69
CA TRP A 119 2.75 5.16 -3.16
C TRP A 119 4.00 5.96 -3.54
N GLY A 120 5.14 5.26 -3.51
CA GLY A 120 6.38 5.83 -4.01
C GLY A 120 6.61 5.46 -5.47
N GLN A 121 7.77 5.86 -5.97
CA GLN A 121 8.15 5.56 -7.34
C GLN A 121 8.90 4.24 -7.46
N GLY A 122 9.17 3.56 -6.35
CA GLY A 122 9.71 2.22 -6.37
C GLY A 122 11.19 2.17 -6.65
N THR A 123 11.77 0.99 -6.38
CA THR A 123 13.16 0.71 -6.67
C THR A 123 13.25 -0.65 -7.37
N THR A 124 14.12 -0.74 -8.36
CA THR A 124 14.22 -1.92 -9.21
C THR A 124 15.12 -2.96 -8.56
N VAL A 125 14.60 -4.17 -8.41
CA VAL A 125 15.36 -5.31 -7.88
C VAL A 125 15.36 -6.40 -8.94
N ILE A 126 16.57 -6.82 -9.34
CA ILE A 126 16.74 -7.88 -10.32
C ILE A 126 17.65 -8.93 -9.71
N VAL A 127 17.12 -10.10 -9.42
CA VAL A 127 17.88 -11.21 -8.86
C VAL A 127 18.44 -12.02 -10.03
N SER A 128 19.75 -11.95 -10.23
CA SER A 128 20.38 -12.62 -11.36
C SER A 128 21.86 -12.83 -11.05
N GLY A 129 22.40 -13.91 -11.61
CA GLY A 129 23.81 -14.23 -11.44
C GLY A 129 24.66 -13.81 -12.63
N ALA A 130 24.17 -12.86 -13.41
CA ALA A 130 24.84 -12.43 -14.62
C ALA A 130 25.75 -11.23 -14.36
N SER A 131 26.51 -10.86 -15.39
CA SER A 131 27.48 -9.78 -15.30
C SER A 131 26.82 -8.42 -15.48
N THR A 132 27.15 -7.48 -14.60
CA THR A 132 26.82 -6.09 -14.87
C THR A 132 27.62 -5.62 -16.07
N LYS A 133 26.96 -5.00 -17.03
CA LYS A 133 27.63 -4.48 -18.21
C LYS A 133 27.28 -3.01 -18.36
N GLY A 134 28.29 -2.17 -18.58
CA GLY A 134 28.11 -0.75 -18.72
C GLY A 134 27.75 -0.33 -20.13
N PRO A 135 26.77 0.57 -20.25
CA PRO A 135 26.18 0.85 -21.57
C PRO A 135 27.11 1.62 -22.48
N SER A 136 26.84 1.49 -23.78
CA SER A 136 27.53 2.23 -24.84
C SER A 136 26.54 3.21 -25.45
N VAL A 137 26.90 4.49 -25.48
CA VAL A 137 26.01 5.56 -25.91
C VAL A 137 26.46 6.04 -27.29
N PHE A 138 25.60 5.85 -28.28
CA PHE A 138 25.81 6.30 -29.64
C PHE A 138 24.75 7.30 -30.05
N PRO A 139 25.12 8.38 -30.75
CA PRO A 139 24.14 9.39 -31.16
C PRO A 139 23.32 8.92 -32.35
N LEU A 140 22.26 9.68 -32.62
CA LEU A 140 21.39 9.48 -33.78
C LEU A 140 21.42 10.76 -34.61
N ALA A 141 22.05 10.69 -35.77
CA ALA A 141 22.27 11.90 -36.57
C ALA A 141 20.98 12.36 -37.23
N PRO A 142 20.56 13.62 -37.01
CA PRO A 142 19.35 14.21 -37.62
C PRO A 142 19.35 14.13 -39.14
N THR A 151 10.44 20.78 -39.13
CA THR A 151 10.68 20.07 -37.88
C THR A 151 11.64 18.88 -38.09
N ALA A 152 12.53 18.67 -37.13
CA ALA A 152 13.55 17.64 -37.20
C ALA A 152 13.39 16.66 -36.05
N ALA A 153 14.20 15.60 -36.08
CA ALA A 153 14.14 14.56 -35.05
C ALA A 153 15.54 13.97 -34.82
N LEU A 154 15.94 13.91 -33.55
CA LEU A 154 17.24 13.41 -33.12
C LEU A 154 17.05 12.44 -31.95
N GLY A 155 18.16 11.95 -31.40
CA GLY A 155 18.09 11.07 -30.24
C GLY A 155 19.45 10.48 -29.90
N CYS A 156 19.42 9.62 -28.87
CA CYS A 156 20.57 8.83 -28.46
C CYS A 156 20.23 7.35 -28.44
N LEU A 157 21.25 6.54 -28.73
CA LEU A 157 21.15 5.08 -28.73
C LEU A 157 22.00 4.52 -27.61
N VAL A 158 21.38 3.75 -26.72
CA VAL A 158 22.06 3.08 -25.62
C VAL A 158 22.01 1.59 -25.92
N LYS A 159 23.18 0.95 -25.99
CA LYS A 159 23.29 -0.40 -26.50
C LYS A 159 24.11 -1.25 -25.56
N ASP A 160 23.74 -2.53 -25.43
CA ASP A 160 24.53 -3.47 -24.65
C ASP A 160 24.65 -3.00 -23.21
N TYR A 161 23.60 -3.18 -22.41
CA TYR A 161 23.73 -2.95 -20.98
C TYR A 161 22.94 -4.01 -20.22
N PHE A 162 23.32 -4.18 -18.95
CA PHE A 162 22.63 -5.09 -18.05
C PHE A 162 22.99 -4.71 -16.63
N PRO A 163 22.01 -4.69 -15.71
CA PRO A 163 20.60 -4.96 -16.00
C PRO A 163 19.77 -3.70 -16.17
N GLU A 164 18.46 -3.87 -16.29
CA GLU A 164 17.55 -2.75 -16.23
C GLU A 164 17.52 -2.18 -14.82
N PRO A 165 17.19 -0.89 -14.65
CA PRO A 165 16.79 0.08 -15.68
C PRO A 165 17.92 1.02 -16.09
N VAL A 166 17.60 1.93 -17.00
CA VAL A 166 18.45 3.05 -17.35
C VAL A 166 17.61 4.32 -17.42
N THR A 167 18.27 5.45 -17.22
CA THR A 167 17.62 6.75 -17.20
C THR A 167 18.18 7.62 -18.31
N VAL A 168 17.29 8.20 -19.10
CA VAL A 168 17.68 9.11 -20.18
C VAL A 168 16.96 10.44 -19.97
N SER A 169 17.74 11.51 -19.82
CA SER A 169 17.21 12.86 -19.72
C SER A 169 17.70 13.67 -20.92
N TRP A 170 16.95 14.72 -21.24
CA TRP A 170 17.26 15.58 -22.38
C TRP A 170 17.39 17.01 -21.90
N ASN A 171 18.52 17.64 -22.26
CA ASN A 171 18.86 18.98 -21.76
C ASN A 171 18.87 19.02 -20.23
N SER A 172 19.33 17.91 -19.63
CA SER A 172 19.45 17.79 -18.17
C SER A 172 18.12 18.02 -17.48
N GLY A 173 17.04 17.54 -18.09
CA GLY A 173 15.72 17.60 -17.50
C GLY A 173 14.86 18.77 -17.92
N ALA A 174 15.42 19.74 -18.66
CA ALA A 174 14.64 20.91 -19.07
C ALA A 174 13.67 20.57 -20.19
N LEU A 175 14.08 19.71 -21.12
CA LEU A 175 13.29 19.40 -22.31
C LEU A 175 12.58 18.07 -22.11
N THR A 176 11.27 18.14 -21.84
CA THR A 176 10.43 16.95 -21.73
C THR A 176 9.36 16.87 -22.80
N SER A 177 9.14 17.93 -23.58
CA SER A 177 8.09 17.95 -24.58
C SER A 177 8.52 17.19 -25.82
N GLY A 178 7.64 16.33 -26.33
CA GLY A 178 7.94 15.56 -27.52
C GLY A 178 9.00 14.51 -27.34
N VAL A 179 9.17 13.99 -26.13
CA VAL A 179 10.22 13.03 -25.82
C VAL A 179 9.62 11.62 -25.85
N HIS A 180 10.31 10.70 -26.51
CA HIS A 180 9.89 9.30 -26.60
C HIS A 180 11.08 8.41 -26.24
N THR A 181 11.02 7.79 -25.06
CA THR A 181 12.03 6.83 -24.62
C THR A 181 11.41 5.45 -24.68
N PHE A 182 11.91 4.62 -25.59
CA PHE A 182 11.29 3.34 -25.89
C PHE A 182 11.67 2.30 -24.83
N PRO A 183 10.78 1.34 -24.56
CA PRO A 183 11.12 0.26 -23.63
C PRO A 183 12.30 -0.55 -24.15
N ALA A 184 13.13 -1.01 -23.23
CA ALA A 184 14.33 -1.75 -23.60
C ALA A 184 13.95 -3.07 -24.27
N VAL A 185 14.78 -3.49 -25.21
CA VAL A 185 14.63 -4.76 -25.90
C VAL A 185 15.75 -5.67 -25.45
N LEU A 186 15.38 -6.82 -24.88
CA LEU A 186 16.38 -7.81 -24.50
C LEU A 186 16.92 -8.48 -25.75
N GLN A 187 18.17 -8.17 -26.10
CA GLN A 187 18.77 -8.70 -27.31
C GLN A 187 19.10 -10.18 -27.15
N SER A 188 19.49 -10.81 -28.26
CA SER A 188 19.75 -12.24 -28.26
C SER A 188 20.92 -12.62 -27.37
N SER A 189 21.80 -11.68 -27.05
CA SER A 189 22.96 -11.95 -26.21
C SER A 189 22.66 -11.87 -24.71
N GLY A 190 21.46 -11.43 -24.33
CA GLY A 190 21.12 -11.23 -22.94
C GLY A 190 21.27 -9.82 -22.44
N LEU A 191 21.72 -8.89 -23.28
CA LEU A 191 21.84 -7.49 -22.92
C LEU A 191 20.62 -6.72 -23.42
N TYR A 192 20.46 -5.51 -22.90
CA TYR A 192 19.31 -4.67 -23.25
C TYR A 192 19.73 -3.57 -24.21
N SER A 193 18.75 -3.08 -24.96
CA SER A 193 18.97 -2.01 -25.92
C SER A 193 17.66 -1.25 -26.13
N LEU A 194 17.66 0.04 -25.83
CA LEU A 194 16.51 0.90 -26.04
C LEU A 194 16.96 2.12 -26.82
N SER A 195 16.02 3.01 -27.11
CA SER A 195 16.32 4.24 -27.83
C SER A 195 15.47 5.37 -27.28
N SER A 196 16.00 6.58 -27.34
CA SER A 196 15.33 7.78 -26.85
C SER A 196 15.43 8.87 -27.91
N VAL A 197 14.28 9.39 -28.34
CA VAL A 197 14.23 10.42 -29.35
C VAL A 197 13.31 11.55 -28.89
N VAL A 198 13.56 12.74 -29.43
CA VAL A 198 12.74 13.92 -29.15
C VAL A 198 12.63 14.75 -30.43
N THR A 199 11.40 15.13 -30.78
CA THR A 199 11.17 15.93 -31.96
C THR A 199 11.43 17.40 -31.65
N VAL A 200 12.29 18.03 -32.44
CA VAL A 200 12.65 19.43 -32.23
C VAL A 200 12.47 20.18 -33.56
N PRO A 201 12.15 21.46 -33.53
CA PRO A 201 11.97 22.20 -34.79
C PRO A 201 13.29 22.31 -35.56
N SER A 202 13.15 22.59 -36.86
CA SER A 202 14.32 22.71 -37.73
C SER A 202 15.10 23.99 -37.49
N SER A 203 14.47 25.01 -36.88
CA SER A 203 15.20 26.23 -36.56
C SER A 203 16.30 25.96 -35.55
N SER A 204 16.09 25.01 -34.64
CA SER A 204 17.02 24.75 -33.55
C SER A 204 18.02 23.63 -33.91
N LEU A 205 18.72 23.83 -35.02
CA LEU A 205 20.02 23.19 -35.22
C LEU A 205 21.18 24.15 -34.97
N GLY A 206 21.07 25.39 -35.40
CA GLY A 206 21.96 26.42 -34.93
C GLY A 206 21.49 26.98 -33.61
N THR A 207 22.44 27.52 -32.84
CA THR A 207 22.18 28.21 -31.57
C THR A 207 21.54 27.31 -30.52
N GLN A 208 21.42 26.01 -30.78
CA GLN A 208 20.82 25.08 -29.83
C GLN A 208 21.56 23.76 -29.89
N THR A 209 22.18 23.38 -28.78
CA THR A 209 22.85 22.10 -28.65
C THR A 209 21.96 21.15 -27.85
N TYR A 210 21.71 19.97 -28.39
CA TYR A 210 20.82 19.00 -27.76
C TYR A 210 21.66 17.90 -27.13
N ILE A 211 21.41 17.64 -25.85
CA ILE A 211 22.26 16.80 -25.02
C ILE A 211 21.38 15.79 -24.30
N CYS A 212 21.87 14.56 -24.20
CA CYS A 212 21.11 13.48 -23.57
C CYS A 212 21.89 12.93 -22.38
N ASN A 213 21.17 12.73 -21.27
CA ASN A 213 21.75 12.29 -20.01
C ASN A 213 21.50 10.80 -19.87
N VAL A 214 22.53 9.99 -20.12
CA VAL A 214 22.43 8.54 -20.01
C VAL A 214 23.19 8.12 -18.75
N ASN A 215 22.49 7.45 -17.84
CA ASN A 215 23.10 7.03 -16.58
C ASN A 215 22.66 5.60 -16.28
N HIS A 216 23.61 4.73 -15.99
CA HIS A 216 23.35 3.35 -15.60
C HIS A 216 24.00 3.11 -14.24
N LYS A 217 23.19 3.17 -13.18
CA LYS A 217 23.72 3.05 -11.82
C LYS A 217 24.38 1.71 -11.54
N PRO A 218 23.87 0.56 -11.97
CA PRO A 218 24.58 -0.70 -11.68
C PRO A 218 26.01 -0.74 -12.20
N SER A 219 26.28 -0.10 -13.33
CA SER A 219 27.64 -0.05 -13.87
C SER A 219 28.34 1.26 -13.56
N ASN A 220 27.71 2.13 -12.77
CA ASN A 220 28.30 3.41 -12.39
C ASN A 220 28.65 4.25 -13.62
N THR A 221 28.14 3.85 -14.78
CA THR A 221 28.54 4.39 -16.07
C THR A 221 27.52 5.45 -16.45
N LYS A 222 27.82 6.68 -16.10
CA LYS A 222 26.96 7.75 -16.53
C LYS A 222 27.53 8.50 -17.72
N VAL A 223 28.83 8.73 -17.75
CA VAL A 223 29.36 10.03 -18.17
C VAL A 223 28.46 10.54 -19.29
N ASP A 224 27.66 11.57 -19.00
CA ASP A 224 26.55 11.88 -19.87
C ASP A 224 27.06 12.77 -21.00
N LYS A 225 26.72 12.41 -22.22
CA LYS A 225 27.36 12.98 -23.39
C LYS A 225 26.35 13.72 -24.26
N ARG A 226 26.90 14.51 -25.17
CA ARG A 226 26.15 15.37 -26.07
C ARG A 226 25.74 14.60 -27.32
N VAL A 227 24.71 15.11 -28.00
CA VAL A 227 24.37 14.65 -29.34
C VAL A 227 25.03 15.56 -30.35
N ASP B 3 -7.66 -18.57 0.55
CA ASP B 3 -7.20 -17.26 0.10
C ASP B 3 -8.25 -16.71 -0.85
N ILE B 4 -8.33 -15.39 -0.98
CA ILE B 4 -9.35 -14.78 -1.82
C ILE B 4 -8.71 -14.42 -3.16
N GLN B 5 -9.25 -14.98 -4.24
CA GLN B 5 -8.75 -14.69 -5.58
C GLN B 5 -9.54 -13.54 -6.20
N MET B 6 -8.83 -12.55 -6.72
CA MET B 6 -9.43 -11.39 -7.38
C MET B 6 -9.51 -11.67 -8.88
N THR B 7 -10.70 -12.05 -9.34
CA THR B 7 -10.96 -12.20 -10.77
C THR B 7 -11.42 -10.86 -11.30
N GLN B 8 -10.47 -10.06 -11.77
CA GLN B 8 -10.77 -8.75 -12.34
C GLN B 8 -11.08 -8.90 -13.81
N SER B 9 -12.05 -8.12 -14.29
CA SER B 9 -12.42 -8.23 -15.66
C SER B 9 -12.86 -6.88 -16.20
N PRO B 10 -12.47 -6.51 -17.42
CA PRO B 10 -11.86 -7.31 -18.49
C PRO B 10 -10.37 -7.59 -18.29
N SER B 11 -9.73 -8.03 -19.38
CA SER B 11 -8.27 -8.11 -19.44
C SER B 11 -7.66 -6.89 -20.10
N SER B 12 -8.28 -6.42 -21.17
CA SER B 12 -7.85 -5.23 -21.90
C SER B 12 -9.02 -4.81 -22.78
N LEU B 13 -9.31 -3.52 -22.79
CA LEU B 13 -10.38 -2.98 -23.61
C LEU B 13 -9.88 -1.78 -24.39
N SER B 14 -10.73 -1.26 -25.26
CA SER B 14 -10.45 -0.03 -25.96
C SER B 14 -11.78 0.64 -26.29
N ALA B 15 -11.80 1.97 -26.21
CA ALA B 15 -13.02 2.70 -26.46
C ALA B 15 -12.67 4.12 -26.90
N SER B 16 -13.54 4.71 -27.71
CA SER B 16 -13.33 6.07 -28.16
C SER B 16 -13.47 7.05 -27.01
N VAL B 17 -13.02 8.28 -27.24
CA VAL B 17 -13.11 9.32 -26.23
C VAL B 17 -14.58 9.65 -25.99
N GLY B 18 -14.98 9.67 -24.72
CA GLY B 18 -16.35 9.90 -24.34
C GLY B 18 -17.14 8.64 -24.06
N ASP B 19 -16.62 7.47 -24.42
CA ASP B 19 -17.32 6.22 -24.20
C ASP B 19 -17.46 5.92 -22.71
N ARG B 20 -18.34 4.98 -22.39
CA ARG B 20 -18.49 4.48 -21.03
C ARG B 20 -17.60 3.25 -20.87
N VAL B 21 -16.66 3.33 -19.95
CA VAL B 21 -15.76 2.21 -19.64
C VAL B 21 -16.21 1.57 -18.35
N THR B 22 -16.25 0.24 -18.33
CA THR B 22 -16.71 -0.49 -17.16
C THR B 22 -15.78 -1.66 -16.87
N ILE B 23 -15.40 -1.81 -15.60
CA ILE B 23 -14.52 -2.89 -15.17
C ILE B 23 -15.15 -3.56 -13.95
N THR B 24 -15.28 -4.88 -14.02
CA THR B 24 -15.82 -5.67 -12.91
C THR B 24 -14.72 -6.48 -12.25
N CYS B 25 -14.84 -6.64 -10.93
CA CYS B 25 -13.90 -7.40 -10.12
C CYS B 25 -14.74 -8.34 -9.27
N GLN B 26 -14.61 -9.65 -9.46
CA GLN B 26 -15.26 -10.58 -8.55
C GLN B 26 -14.29 -11.02 -7.47
N ALA B 27 -14.87 -11.46 -6.35
CA ALA B 27 -14.14 -12.12 -5.27
C ALA B 27 -14.65 -13.54 -5.11
N SER B 28 -13.76 -14.43 -4.68
CA SER B 28 -14.18 -15.81 -4.42
C SER B 28 -14.91 -15.96 -3.09
N GLN B 29 -14.74 -14.99 -2.18
CA GLN B 29 -15.41 -15.00 -0.90
C GLN B 29 -15.83 -13.57 -0.56
N ASP B 30 -16.68 -13.45 0.46
CA ASP B 30 -17.27 -12.16 0.79
C ASP B 30 -16.25 -11.25 1.47
N ILE B 31 -16.03 -10.07 0.89
CA ILE B 31 -15.27 -9.02 1.53
C ILE B 31 -16.17 -7.86 1.97
N ARG B 32 -17.27 -7.63 1.27
CA ARG B 32 -18.41 -6.78 1.61
C ARG B 32 -18.24 -5.26 1.62
N GLN B 33 -17.03 -4.74 1.79
CA GLN B 33 -16.79 -3.37 1.38
C GLN B 33 -15.31 -3.18 1.05
N CYS B 34 -14.49 -4.09 1.55
CA CYS B 34 -13.05 -3.84 1.68
C CYS B 34 -12.36 -4.05 0.33
N LEU B 35 -12.79 -3.25 -0.64
CA LEU B 35 -12.24 -3.27 -1.97
C LEU B 35 -12.01 -1.83 -2.41
N ASN B 36 -11.07 -1.65 -3.33
CA ASN B 36 -10.66 -0.34 -3.76
C ASN B 36 -9.87 -0.44 -5.05
N TRP B 37 -9.94 0.62 -5.84
CA TRP B 37 -9.46 0.61 -7.22
C TRP B 37 -8.28 1.55 -7.37
N TYR B 38 -7.28 1.12 -8.15
CA TYR B 38 -6.08 1.90 -8.42
C TYR B 38 -5.96 2.13 -9.92
N GLN B 39 -5.35 3.26 -10.30
CA GLN B 39 -5.01 3.52 -11.68
C GLN B 39 -3.49 3.62 -11.84
N GLN B 40 -2.99 2.97 -12.89
CA GLN B 40 -1.57 2.94 -13.25
C GLN B 40 -1.24 3.94 -14.35
N LYS B 41 -0.75 5.08 -13.93
CA LYS B 41 0.00 6.01 -14.74
C LYS B 41 1.23 5.32 -15.33
N PRO B 42 1.39 5.25 -16.65
CA PRO B 42 2.40 4.34 -17.23
C PRO B 42 3.82 4.64 -16.78
N GLY B 43 4.46 3.63 -16.17
CA GLY B 43 5.80 3.78 -15.67
C GLY B 43 5.93 4.68 -14.47
N LYS B 44 4.83 4.92 -13.77
CA LYS B 44 4.66 5.94 -12.74
C LYS B 44 3.82 5.31 -11.61
N PRO B 45 3.50 6.00 -10.51
CA PRO B 45 2.96 5.28 -9.35
C PRO B 45 1.50 4.91 -9.55
N PRO B 46 0.91 4.16 -8.61
CA PRO B 46 -0.55 4.01 -8.59
C PRO B 46 -1.21 5.12 -7.80
N LYS B 47 -2.23 5.75 -8.37
CA LYS B 47 -3.05 6.74 -7.67
C LYS B 47 -4.36 6.09 -7.26
N LEU B 48 -4.78 6.32 -6.03
CA LEU B 48 -6.03 5.77 -5.55
C LEU B 48 -7.22 6.62 -5.98
N LEU B 49 -8.17 5.96 -6.63
CA LEU B 49 -9.37 6.56 -7.18
C LEU B 49 -10.59 6.24 -6.32
N ILE B 50 -10.85 4.96 -6.09
CA ILE B 50 -12.01 4.49 -5.34
C ILE B 50 -11.53 3.67 -4.17
N TYR B 51 -12.04 3.97 -2.98
CA TYR B 51 -11.79 3.17 -1.79
C TYR B 51 -13.13 2.84 -1.12
N ASP B 52 -13.16 1.69 -0.45
CA ASP B 52 -14.39 1.10 0.09
C ASP B 52 -15.44 0.85 -0.99
N ALA B 53 -14.99 0.73 -2.25
CA ALA B 53 -15.72 0.28 -3.43
C ALA B 53 -16.73 1.30 -3.94
N SER B 54 -17.02 2.38 -3.24
CA SER B 54 -17.92 3.40 -3.78
C SER B 54 -17.48 4.84 -3.56
N THR B 55 -16.67 5.14 -2.54
CA THR B 55 -16.36 6.52 -2.23
C THR B 55 -15.23 7.03 -3.12
N LEU B 56 -15.24 8.33 -3.36
CA LEU B 56 -14.43 8.95 -4.39
C LEU B 56 -13.31 9.74 -3.73
N GLU B 57 -12.07 9.55 -4.19
CA GLU B 57 -10.92 10.12 -3.51
C GLU B 57 -10.78 11.61 -3.79
N THR B 58 -10.02 12.28 -2.93
CA THR B 58 -9.76 13.71 -3.06
C THR B 58 -9.01 14.01 -4.34
N GLY B 59 -9.61 14.83 -5.20
CA GLY B 59 -9.00 15.31 -6.41
C GLY B 59 -9.38 14.54 -7.66
N VAL B 60 -9.75 13.27 -7.54
CA VAL B 60 -10.08 12.49 -8.72
C VAL B 60 -11.43 12.95 -9.27
N PRO B 61 -11.62 12.94 -10.59
CA PRO B 61 -12.82 13.56 -11.18
C PRO B 61 -14.11 12.79 -10.94
N SER B 62 -15.23 13.36 -11.37
CA SER B 62 -16.56 12.79 -11.12
C SER B 62 -16.92 11.67 -12.08
N ARG B 63 -16.19 11.51 -13.19
CA ARG B 63 -16.52 10.48 -14.16
C ARG B 63 -16.10 9.08 -13.71
N PHE B 64 -15.45 8.96 -12.56
CA PHE B 64 -15.06 7.67 -12.02
C PHE B 64 -16.03 7.27 -10.91
N SER B 65 -16.55 6.05 -10.99
CA SER B 65 -17.51 5.56 -10.02
C SER B 65 -17.27 4.09 -9.73
N GLY B 66 -17.43 3.71 -8.47
CA GLY B 66 -17.37 2.31 -8.07
C GLY B 66 -18.66 1.90 -7.38
N ARG B 67 -19.08 0.68 -7.63
CA ARG B 67 -20.29 0.13 -7.03
C ARG B 67 -20.12 -1.37 -6.82
N GLY B 68 -20.78 -1.89 -5.80
CA GLY B 68 -20.79 -3.31 -5.54
C GLY B 68 -20.59 -3.65 -4.07
N SER B 69 -20.95 -4.88 -3.72
CA SER B 69 -20.77 -5.40 -2.37
C SER B 69 -20.78 -6.92 -2.44
N GLY B 70 -20.52 -7.55 -1.31
CA GLY B 70 -20.45 -9.00 -1.27
C GLY B 70 -19.27 -9.53 -2.06
N THR B 71 -19.54 -10.14 -3.22
CA THR B 71 -18.49 -10.69 -4.06
C THR B 71 -18.44 -10.07 -5.45
N HIS B 72 -19.34 -9.16 -5.79
CA HIS B 72 -19.35 -8.51 -7.09
C HIS B 72 -19.16 -7.01 -6.93
N PHE B 73 -18.24 -6.45 -7.72
CA PHE B 73 -17.91 -5.04 -7.63
C PHE B 73 -17.74 -4.46 -9.03
N THR B 74 -18.14 -3.21 -9.19
CA THR B 74 -18.18 -2.56 -10.50
C THR B 74 -17.43 -1.24 -10.46
N PHE B 75 -16.51 -1.06 -11.39
CA PHE B 75 -15.81 0.21 -11.61
C PHE B 75 -16.19 0.73 -12.98
N THR B 76 -16.62 1.99 -13.04
CA THR B 76 -17.11 2.57 -14.28
C THR B 76 -16.53 3.96 -14.49
N ILE B 77 -16.09 4.22 -15.72
CA ILE B 77 -15.73 5.56 -16.17
C ILE B 77 -16.88 6.06 -17.03
N SER B 78 -17.56 7.12 -16.57
CA SER B 78 -18.76 7.56 -17.26
C SER B 78 -18.46 8.06 -18.67
N SER B 79 -17.40 8.86 -18.82
CA SER B 79 -17.01 9.39 -20.12
C SER B 79 -15.50 9.24 -20.26
N LEU B 80 -15.07 8.32 -21.11
CA LEU B 80 -13.65 8.01 -21.25
C LEU B 80 -12.88 9.20 -21.84
N GLN B 81 -11.79 9.58 -21.18
CA GLN B 81 -10.89 10.62 -21.64
C GLN B 81 -9.57 10.02 -22.10
N ALA B 82 -8.76 10.86 -22.75
CA ALA B 82 -7.50 10.38 -23.32
C ALA B 82 -6.45 10.14 -22.24
N GLU B 83 -6.43 10.98 -21.19
CA GLU B 83 -5.45 10.80 -20.13
C GLU B 83 -5.80 9.65 -19.20
N ASP B 84 -6.89 8.93 -19.46
CA ASP B 84 -7.28 7.77 -18.68
C ASP B 84 -6.57 6.50 -19.12
N VAL B 85 -5.67 6.58 -20.11
CA VAL B 85 -4.91 5.42 -20.57
C VAL B 85 -4.07 4.93 -19.40
N ALA B 86 -4.39 3.74 -18.90
CA ALA B 86 -3.77 3.23 -17.68
C ALA B 86 -4.12 1.75 -17.55
N THR B 87 -3.50 1.11 -16.57
CA THR B 87 -3.80 -0.27 -16.19
C THR B 87 -4.38 -0.24 -14.78
N TYR B 88 -5.66 -0.52 -14.66
CA TYR B 88 -6.36 -0.32 -13.40
C TYR B 88 -6.40 -1.63 -12.60
N TYR B 89 -6.34 -1.49 -11.28
CA TYR B 89 -6.22 -2.65 -10.39
C TYR B 89 -7.20 -2.53 -9.23
N CYS B 90 -7.96 -3.59 -8.99
CA CYS B 90 -8.76 -3.72 -7.77
C CYS B 90 -7.97 -4.50 -6.72
N GLN B 91 -8.40 -4.35 -5.46
CA GLN B 91 -7.64 -4.90 -4.34
C GLN B 91 -8.54 -4.99 -3.11
N GLN B 92 -8.62 -6.19 -2.54
CA GLN B 92 -9.42 -6.45 -1.35
C GLN B 92 -8.53 -6.41 -0.11
N PHE B 93 -9.03 -5.78 0.94
CA PHE B 93 -8.33 -5.71 2.21
C PHE B 93 -9.24 -6.17 3.34
N ALA B 94 -10.05 -7.19 3.08
CA ALA B 94 -10.90 -7.77 4.11
C ALA B 94 -10.24 -8.95 4.81
N ASN B 95 -9.29 -9.61 4.16
CA ASN B 95 -8.55 -10.70 4.79
C ASN B 95 -7.09 -10.33 4.94
N VAL B 96 -6.44 -10.94 5.94
CA VAL B 96 -5.05 -10.61 6.25
C VAL B 96 -4.15 -10.76 5.02
N PRO B 97 -4.23 -11.83 4.22
CA PRO B 97 -3.57 -11.80 2.92
C PRO B 97 -4.28 -10.85 1.97
N LEU B 98 -3.50 -10.09 1.22
CA LEU B 98 -4.02 -9.08 0.29
C LEU B 98 -3.86 -9.57 -1.14
N ALA B 99 -4.93 -9.45 -1.92
CA ALA B 99 -4.95 -9.91 -3.30
C ALA B 99 -5.34 -8.76 -4.21
N PHE B 100 -4.54 -8.56 -5.26
CA PHE B 100 -4.80 -7.56 -6.29
C PHE B 100 -5.31 -8.24 -7.55
N GLY B 101 -6.26 -7.61 -8.22
CA GLY B 101 -6.78 -8.14 -9.47
C GLY B 101 -5.71 -8.20 -10.55
N GLY B 102 -6.03 -8.97 -11.60
CA GLY B 102 -5.08 -9.16 -12.68
C GLY B 102 -4.75 -7.90 -13.45
N GLY B 103 -5.62 -6.91 -13.41
CA GLY B 103 -5.39 -5.66 -14.10
C GLY B 103 -6.11 -5.60 -15.42
N THR B 104 -6.45 -4.38 -15.84
CA THR B 104 -7.13 -4.15 -17.10
C THR B 104 -6.46 -2.99 -17.83
N LYS B 105 -6.00 -3.26 -19.05
CA LYS B 105 -5.33 -2.25 -19.85
C LYS B 105 -6.37 -1.43 -20.60
N VAL B 106 -6.31 -0.11 -20.43
CA VAL B 106 -7.26 0.81 -21.06
C VAL B 106 -6.52 1.62 -22.12
N GLU B 107 -7.07 1.63 -23.33
CA GLU B 107 -6.49 2.38 -24.44
C GLU B 107 -7.62 3.06 -25.21
N ILE B 108 -7.26 4.09 -25.96
CA ILE B 108 -8.21 4.97 -26.63
C ILE B 108 -8.43 4.49 -28.06
N LYS B 109 -9.67 4.52 -28.50
CA LYS B 109 -10.03 4.28 -29.90
C LYS B 109 -10.15 5.62 -30.61
N ARG B 110 -9.19 5.95 -31.46
CA ARG B 110 -9.19 7.23 -32.15
C ARG B 110 -9.16 6.99 -33.66
N THR B 111 -8.90 8.07 -34.40
CA THR B 111 -8.81 8.04 -35.85
C THR B 111 -7.53 7.33 -36.28
N VAL B 112 -7.27 7.34 -37.58
CA VAL B 112 -6.05 6.78 -38.16
C VAL B 112 -5.00 7.88 -38.28
N ALA B 113 -3.83 7.66 -37.70
CA ALA B 113 -2.72 8.60 -37.74
C ALA B 113 -1.57 8.01 -38.53
N ALA B 114 -1.06 8.77 -39.50
CA ALA B 114 0.09 8.33 -40.29
C ALA B 114 1.38 8.55 -39.49
N PRO B 115 2.26 7.54 -39.41
CA PRO B 115 3.49 7.71 -38.64
C PRO B 115 4.53 8.49 -39.42
N SER B 116 5.13 9.49 -38.77
CA SER B 116 6.28 10.18 -39.34
C SER B 116 7.47 9.23 -39.35
N VAL B 117 8.10 9.09 -40.51
CA VAL B 117 9.17 8.12 -40.72
C VAL B 117 10.50 8.87 -40.86
N PHE B 118 11.48 8.46 -40.06
CA PHE B 118 12.85 8.96 -40.15
C PHE B 118 13.79 7.77 -40.15
N ILE B 119 15.03 7.99 -40.54
CA ILE B 119 16.03 6.93 -40.60
C ILE B 119 17.34 7.47 -40.03
N PHE B 120 18.02 6.63 -39.25
CA PHE B 120 19.29 6.99 -38.61
C PHE B 120 20.32 5.91 -38.92
N PRO B 121 21.42 6.25 -39.58
CA PRO B 121 22.47 5.26 -39.85
C PRO B 121 23.31 4.99 -38.61
N PRO B 122 24.15 3.95 -38.64
CA PRO B 122 25.05 3.74 -37.50
C PRO B 122 26.10 4.85 -37.41
N SER B 123 26.33 5.32 -36.18
CA SER B 123 27.13 6.50 -35.96
C SER B 123 28.62 6.20 -36.13
N ASP B 124 29.42 7.26 -36.14
CA ASP B 124 30.87 7.12 -36.21
C ASP B 124 31.41 6.42 -34.97
N GLU B 125 30.81 6.71 -33.80
CA GLU B 125 31.24 6.06 -32.56
C GLU B 125 30.96 4.57 -32.57
N GLN B 126 29.84 4.14 -33.16
CA GLN B 126 29.47 2.74 -33.06
C GLN B 126 30.26 1.86 -34.02
N LEU B 127 30.49 2.33 -35.25
CA LEU B 127 31.27 1.54 -36.20
C LEU B 127 32.73 1.43 -35.81
N LYS B 128 33.20 2.23 -34.84
CA LYS B 128 34.50 1.97 -34.24
C LYS B 128 34.54 0.60 -33.58
N SER B 129 33.42 0.16 -33.00
CA SER B 129 33.40 -1.12 -32.29
C SER B 129 33.46 -2.30 -33.25
N GLY B 130 32.74 -2.23 -34.36
CA GLY B 130 32.67 -3.35 -35.28
C GLY B 130 31.25 -3.84 -35.45
N THR B 131 30.29 -3.08 -34.95
CA THR B 131 28.88 -3.39 -35.09
C THR B 131 28.16 -2.19 -35.69
N ALA B 132 27.12 -2.47 -36.48
CA ALA B 132 26.31 -1.44 -37.10
C ALA B 132 24.87 -1.61 -36.66
N SER B 133 24.26 -0.51 -36.18
CA SER B 133 22.89 -0.51 -35.73
C SER B 133 22.15 0.58 -36.49
N VAL B 134 21.26 0.17 -37.40
CA VAL B 134 20.50 1.10 -38.22
C VAL B 134 19.10 1.21 -37.62
N VAL B 135 18.61 2.44 -37.47
CA VAL B 135 17.38 2.70 -36.72
C VAL B 135 16.34 3.31 -37.65
N CYS B 136 15.10 2.85 -37.52
CA CYS B 136 13.96 3.39 -38.27
C CYS B 136 12.86 3.73 -37.29
N LEU B 137 12.44 4.98 -37.27
CA LEU B 137 11.52 5.50 -36.26
C LEU B 137 10.11 5.62 -36.85
N LEU B 138 9.14 5.06 -36.15
CA LEU B 138 7.72 5.19 -36.50
C LEU B 138 7.06 5.94 -35.36
N ASN B 139 6.67 7.19 -35.62
CA ASN B 139 6.33 8.13 -34.55
C ASN B 139 4.87 8.57 -34.68
N ASN B 140 4.15 8.53 -33.55
CA ASN B 140 2.83 9.13 -33.40
C ASN B 140 1.84 8.60 -34.43
N PHE B 141 1.54 7.30 -34.29
CA PHE B 141 0.65 6.61 -35.21
C PHE B 141 -0.43 5.88 -34.44
N TYR B 142 -1.53 5.58 -35.15
CA TYR B 142 -2.63 4.76 -34.65
C TYR B 142 -3.30 4.17 -35.88
N PRO B 143 -3.70 2.89 -35.86
CA PRO B 143 -3.65 1.94 -34.74
C PRO B 143 -2.25 1.42 -34.42
N ARG B 144 -2.18 0.54 -33.42
CA ARG B 144 -0.89 0.01 -32.97
C ARG B 144 -0.23 -0.86 -34.04
N GLU B 145 -1.02 -1.54 -34.86
CA GLU B 145 -0.47 -2.49 -35.82
C GLU B 145 0.26 -1.76 -36.95
N ALA B 146 1.46 -2.23 -37.26
CA ALA B 146 2.26 -1.66 -38.34
C ALA B 146 3.31 -2.70 -38.74
N LYS B 147 3.58 -2.78 -40.04
CA LYS B 147 4.54 -3.74 -40.58
C LYS B 147 5.70 -2.99 -41.22
N VAL B 148 6.90 -3.19 -40.68
CA VAL B 148 8.12 -2.58 -41.19
C VAL B 148 9.11 -3.69 -41.52
N GLN B 149 9.62 -3.68 -42.74
CA GLN B 149 10.57 -4.69 -43.21
C GLN B 149 11.84 -3.96 -43.62
N TRP B 150 12.99 -4.46 -43.18
CA TRP B 150 14.23 -3.85 -43.61
C TRP B 150 14.63 -4.37 -44.99
N LYS B 151 15.29 -3.49 -45.76
CA LYS B 151 15.76 -3.82 -47.11
C LYS B 151 17.20 -3.35 -47.25
N VAL B 152 18.11 -4.29 -47.39
CA VAL B 152 19.53 -4.00 -47.58
C VAL B 152 19.92 -4.43 -48.99
N ASP B 153 20.27 -3.44 -49.82
CA ASP B 153 20.59 -3.66 -51.23
C ASP B 153 19.51 -4.47 -51.93
N ASN B 154 18.26 -4.06 -51.72
CA ASN B 154 17.08 -4.71 -52.30
C ASN B 154 17.03 -6.20 -51.91
N ALA B 155 16.96 -6.42 -50.59
CA ALA B 155 16.87 -7.78 -50.05
C ALA B 155 16.19 -7.73 -48.70
N LEU B 156 15.13 -8.53 -48.53
CA LEU B 156 14.48 -8.65 -47.23
C LEU B 156 15.34 -9.41 -46.24
N GLN B 157 15.43 -8.86 -45.03
CA GLN B 157 16.07 -9.46 -43.88
C GLN B 157 15.02 -10.01 -42.93
N SER B 158 15.42 -11.00 -42.14
CA SER B 158 14.50 -11.62 -41.18
C SER B 158 15.29 -12.13 -39.99
N GLY B 159 14.91 -11.69 -38.79
CA GLY B 159 15.59 -12.09 -37.57
C GLY B 159 16.77 -11.23 -37.18
N ASN B 160 17.01 -10.14 -37.88
CA ASN B 160 18.19 -9.29 -37.68
C ASN B 160 17.85 -8.03 -36.91
N SER B 161 16.59 -7.82 -36.58
CA SER B 161 16.11 -6.58 -36.00
C SER B 161 15.16 -6.89 -34.86
N GLN B 162 14.86 -5.86 -34.06
CA GLN B 162 13.96 -5.99 -32.93
C GLN B 162 13.14 -4.71 -32.81
N GLU B 163 11.94 -4.84 -32.27
CA GLU B 163 11.01 -3.73 -32.16
C GLU B 163 10.76 -3.36 -30.70
N SER B 164 10.30 -2.13 -30.50
CA SER B 164 9.95 -1.62 -29.18
C SER B 164 8.90 -0.54 -29.36
N VAL B 165 7.72 -0.74 -28.78
CA VAL B 165 6.58 0.15 -28.95
C VAL B 165 6.30 0.85 -27.62
N THR B 166 6.17 2.17 -27.67
CA THR B 166 5.72 2.92 -26.51
C THR B 166 4.23 2.69 -26.27
N GLU B 167 3.79 2.99 -25.05
CA GLU B 167 2.39 2.90 -24.73
C GLU B 167 1.62 4.06 -25.35
N GLN B 168 0.29 4.00 -25.24
CA GLN B 168 -0.52 5.08 -25.79
C GLN B 168 -0.33 6.34 -24.95
N ASP B 169 0.03 7.43 -25.62
CA ASP B 169 0.40 8.65 -24.90
C ASP B 169 -0.85 9.28 -24.30
N SER B 170 -0.70 9.85 -23.09
CA SER B 170 -1.86 10.41 -22.39
C SER B 170 -2.54 11.47 -23.24
N LYS B 171 -1.77 12.28 -23.93
CA LYS B 171 -2.28 13.19 -24.94
C LYS B 171 -2.08 12.56 -26.31
N ASP B 172 -3.03 12.82 -27.22
CA ASP B 172 -3.14 12.50 -28.65
C ASP B 172 -3.26 11.00 -28.93
N SER B 173 -3.15 10.16 -27.89
CA SER B 173 -3.54 8.74 -27.95
C SER B 173 -2.97 7.99 -29.16
N THR B 174 -1.66 8.13 -29.39
CA THR B 174 -1.00 7.39 -30.45
C THR B 174 0.15 6.56 -29.87
N TYR B 175 0.80 5.81 -30.74
CA TYR B 175 1.94 4.98 -30.38
C TYR B 175 3.18 5.46 -31.12
N SER B 176 4.32 4.90 -30.74
CA SER B 176 5.58 5.19 -31.41
C SER B 176 6.42 3.91 -31.40
N LEU B 177 7.01 3.58 -32.55
CA LEU B 177 7.69 2.30 -32.73
C LEU B 177 9.14 2.53 -33.13
N SER B 178 9.99 1.60 -32.69
CA SER B 178 11.42 1.63 -32.98
C SER B 178 11.85 0.25 -33.45
N SER B 179 12.41 0.16 -34.66
CA SER B 179 12.98 -1.06 -35.19
C SER B 179 14.48 -0.89 -35.34
N THR B 180 15.24 -1.83 -34.80
CA THR B 180 16.69 -1.71 -34.66
C THR B 180 17.36 -2.82 -35.46
N LEU B 181 17.80 -2.50 -36.69
CA LEU B 181 18.50 -3.46 -37.51
C LEU B 181 19.97 -3.49 -37.11
N THR B 182 20.46 -4.68 -36.74
CA THR B 182 21.81 -4.84 -36.21
C THR B 182 22.61 -5.74 -37.14
N LEU B 183 23.82 -5.29 -37.49
CA LEU B 183 24.70 -6.05 -38.36
C LEU B 183 26.15 -5.83 -37.92
N SER B 184 27.00 -6.78 -38.28
CA SER B 184 28.43 -6.61 -38.06
C SER B 184 29.00 -5.64 -39.09
N LYS B 185 30.10 -4.97 -38.70
CA LYS B 185 30.73 -4.03 -39.62
C LYS B 185 31.22 -4.73 -40.89
N ALA B 186 31.52 -6.02 -40.80
CA ALA B 186 31.90 -6.78 -41.98
C ALA B 186 30.73 -6.91 -42.96
N ASP B 187 29.51 -6.88 -42.44
CA ASP B 187 28.32 -7.01 -43.29
C ASP B 187 27.73 -5.68 -43.72
N TYR B 188 28.08 -4.60 -43.03
CA TYR B 188 27.54 -3.27 -43.30
C TYR B 188 28.22 -2.60 -44.48
N GLU B 189 29.49 -2.93 -44.72
CA GLU B 189 30.28 -2.30 -45.76
C GLU B 189 30.37 -3.20 -46.99
N LYS B 190 29.60 -4.28 -47.01
CA LYS B 190 29.37 -5.10 -48.19
C LYS B 190 28.20 -4.61 -49.02
N HIS B 191 27.26 -3.89 -48.40
CA HIS B 191 26.10 -3.32 -49.08
C HIS B 191 26.09 -1.82 -48.86
N LYS B 192 25.35 -1.10 -49.71
CA LYS B 192 25.35 0.36 -49.69
C LYS B 192 24.02 0.97 -49.32
N VAL B 193 22.94 0.62 -50.00
CA VAL B 193 21.64 1.27 -49.81
C VAL B 193 20.86 0.53 -48.74
N TYR B 194 20.49 1.24 -47.69
CA TYR B 194 19.65 0.72 -46.61
C TYR B 194 18.33 1.47 -46.63
N ALA B 195 17.23 0.74 -46.73
CA ALA B 195 15.91 1.33 -46.85
C ALA B 195 14.97 0.71 -45.83
N CYS B 196 13.99 1.50 -45.38
CA CYS B 196 13.02 1.09 -44.38
C CYS B 196 11.63 1.21 -45.00
N GLU B 197 11.01 0.06 -45.28
CA GLU B 197 9.68 0.02 -45.90
C GLU B 197 8.64 -0.29 -44.84
N VAL B 198 7.68 0.61 -44.68
CA VAL B 198 6.66 0.52 -43.65
C VAL B 198 5.31 0.24 -44.30
N THR B 199 4.42 -0.38 -43.51
CA THR B 199 3.09 -0.73 -43.98
C THR B 199 2.07 -0.30 -42.92
N HIS B 200 1.28 0.72 -43.24
CA HIS B 200 0.25 1.23 -42.34
C HIS B 200 -0.96 1.62 -43.19
N GLN B 201 -2.02 2.09 -42.53
CA GLN B 201 -3.20 2.55 -43.25
C GLN B 201 -2.98 3.93 -43.85
N GLY B 202 -2.44 4.85 -43.06
CA GLY B 202 -2.25 6.22 -43.54
C GLY B 202 -1.22 6.31 -44.66
N LEU B 203 -0.12 5.58 -44.53
CA LEU B 203 0.94 5.62 -45.53
C LEU B 203 1.06 4.31 -46.29
N PRO B 206 2.42 2.58 -48.61
CA PRO B 206 3.82 2.27 -48.90
C PRO B 206 4.73 3.50 -48.90
N VAL B 207 5.64 3.57 -47.94
CA VAL B 207 6.58 4.68 -47.79
C VAL B 207 7.95 4.10 -47.44
N THR B 208 9.00 4.69 -48.03
CA THR B 208 10.37 4.24 -47.84
C THR B 208 11.27 5.43 -47.56
N LYS B 209 12.03 5.36 -46.47
CA LYS B 209 13.06 6.33 -46.12
C LYS B 209 14.39 5.61 -46.17
N SER B 210 15.25 5.98 -47.10
CA SER B 210 16.51 5.29 -47.32
C SER B 210 17.68 6.27 -47.19
N PHE B 211 18.86 5.71 -46.94
CA PHE B 211 20.09 6.48 -46.93
C PHE B 211 21.16 5.72 -47.69
N ASN B 212 22.16 6.47 -48.16
CA ASN B 212 23.35 5.91 -48.77
C ASN B 212 24.47 5.94 -47.73
N ARG B 213 25.33 4.93 -47.77
CA ARG B 213 26.50 4.89 -46.91
C ARG B 213 27.36 6.14 -47.03
N GLY B 214 27.48 6.84 -45.90
CA GLY B 214 28.39 7.96 -45.77
C GLY B 214 28.13 9.08 -46.75
N GLU B 215 26.90 9.59 -46.77
CA GLU B 215 26.56 10.68 -47.70
C GLU B 215 25.72 11.74 -47.01
N PRO C 25 -33.09 -4.09 25.98
CA PRO C 25 -33.45 -2.75 25.52
C PRO C 25 -33.65 -2.69 24.01
N ASN C 26 -34.32 -3.71 23.46
CA ASN C 26 -34.57 -3.85 22.03
C ASN C 26 -33.28 -4.11 21.26
N CYS C 27 -32.15 -4.06 21.95
CA CYS C 27 -30.87 -4.38 21.33
C CYS C 27 -30.73 -5.90 21.23
N LEU C 28 -29.87 -6.32 20.29
CA LEU C 28 -29.82 -7.72 19.92
C LEU C 28 -28.44 -8.31 20.19
N ASN C 29 -28.45 -9.60 20.51
CA ASN C 29 -27.33 -10.52 20.56
C ASN C 29 -26.47 -10.31 21.79
N CYS C 30 -26.65 -9.20 22.50
CA CYS C 30 -25.61 -8.68 23.38
C CYS C 30 -26.04 -8.92 24.82
N THR C 31 -25.21 -9.67 25.56
CA THR C 31 -25.58 -10.11 26.89
C THR C 31 -25.60 -8.93 27.86
N ASP C 32 -25.99 -9.21 29.11
CA ASP C 32 -26.13 -8.15 30.09
C ASP C 32 -24.79 -7.61 30.53
N LEU C 33 -23.82 -8.50 30.81
CA LEU C 33 -22.48 -8.04 31.14
C LEU C 33 -21.81 -7.38 29.94
N ASP C 34 -22.17 -7.79 28.72
CA ASP C 34 -21.62 -7.17 27.53
C ASP C 34 -21.98 -5.69 27.45
N VAL C 35 -23.24 -5.34 27.75
CA VAL C 35 -23.62 -3.94 27.82
C VAL C 35 -22.96 -3.28 29.03
N ALA C 36 -22.80 -4.03 30.13
CA ALA C 36 -22.17 -3.49 31.32
C ALA C 36 -20.72 -3.08 31.08
N LEU C 37 -20.09 -3.61 30.03
CA LEU C 37 -18.71 -3.28 29.71
C LEU C 37 -18.59 -2.17 28.68
N GLY C 38 -19.69 -1.72 28.08
CA GLY C 38 -19.60 -0.71 27.04
C GLY C 38 -19.10 -1.24 25.72
N ARG C 39 -19.26 -2.54 25.46
CA ARG C 39 -18.82 -3.14 24.21
C ARG C 39 -19.48 -2.43 23.03
N PRO C 40 -18.77 -2.21 21.92
CA PRO C 40 -19.39 -1.56 20.77
C PRO C 40 -20.57 -2.36 20.25
N MET C 41 -21.55 -1.64 19.70
CA MET C 41 -22.86 -2.12 19.28
C MET C 41 -23.76 -2.40 20.46
N CYS C 42 -23.28 -2.23 21.69
CA CYS C 42 -24.10 -2.40 22.88
C CYS C 42 -24.21 -1.11 23.69
N MET C 43 -23.73 0.01 23.16
CA MET C 43 -24.19 1.30 23.65
C MET C 43 -25.67 1.44 23.31
N GLY C 44 -26.45 1.91 24.26
CA GLY C 44 -27.88 2.01 24.02
C GLY C 44 -28.57 2.67 25.19
N THR C 45 -29.82 3.05 24.94
CA THR C 45 -30.62 3.69 25.96
C THR C 45 -30.96 2.69 27.06
N ILE C 46 -30.66 3.06 28.29
CA ILE C 46 -30.92 2.22 29.46
C ILE C 46 -32.15 2.77 30.17
N PRO C 47 -33.26 2.04 30.19
CA PRO C 47 -34.43 2.47 30.95
C PRO C 47 -34.23 2.22 32.44
N SER C 48 -35.10 2.86 33.22
CA SER C 48 -35.13 2.67 34.66
C SER C 48 -36.33 1.81 35.04
N ALA C 49 -36.15 1.00 36.09
CA ALA C 49 -37.21 0.13 36.57
C ALA C 49 -37.07 -0.01 38.07
N LYS C 50 -38.21 -0.14 38.75
CA LYS C 50 -38.22 -0.23 40.19
C LYS C 50 -38.25 -1.69 40.66
N ALA C 51 -38.35 -2.63 39.74
CA ALA C 51 -38.22 -4.06 40.02
C ALA C 51 -37.37 -4.70 38.93
N SER C 52 -36.51 -5.63 39.31
CA SER C 52 -35.64 -6.34 38.38
C SER C 52 -35.56 -7.80 38.78
N ILE C 53 -35.46 -8.69 37.78
CA ILE C 53 -35.24 -10.11 38.05
C ILE C 53 -33.78 -10.40 37.79
N LEU C 54 -33.24 -11.39 38.50
CA LEU C 54 -31.85 -11.80 38.33
C LEU C 54 -31.85 -13.20 37.73
N HIS C 55 -31.35 -13.31 36.51
CA HIS C 55 -31.43 -14.55 35.76
C HIS C 55 -30.08 -15.14 35.39
N GLU C 56 -28.98 -14.47 35.71
CA GLU C 56 -27.63 -14.96 35.41
C GLU C 56 -26.82 -14.94 36.70
N VAL C 57 -26.64 -16.12 37.31
CA VAL C 57 -25.70 -16.24 38.42
C VAL C 57 -24.27 -16.10 37.93
N ARG C 58 -24.02 -16.37 36.65
CA ARG C 58 -22.70 -16.26 36.04
C ARG C 58 -22.84 -15.46 34.76
N PRO C 59 -22.84 -14.13 34.84
CA PRO C 59 -22.93 -13.32 33.61
C PRO C 59 -21.79 -13.63 32.66
N VAL C 60 -22.13 -13.70 31.38
CA VAL C 60 -21.21 -14.17 30.34
C VAL C 60 -21.22 -13.19 29.19
N THR C 61 -20.03 -12.84 28.69
CA THR C 61 -19.88 -12.01 27.50
C THR C 61 -19.66 -12.90 26.30
N SER C 62 -20.43 -12.69 25.24
CA SER C 62 -20.21 -13.40 23.99
C SER C 62 -19.39 -12.61 22.99
N GLY C 63 -18.98 -11.39 23.36
CA GLY C 63 -18.41 -10.43 22.43
C GLY C 63 -16.96 -10.05 22.62
N CYS C 64 -16.77 -8.93 23.33
CA CYS C 64 -15.53 -8.15 23.31
C CYS C 64 -14.32 -9.01 23.72
N PHE C 65 -13.12 -8.43 23.53
CA PHE C 65 -11.79 -9.04 23.64
C PHE C 65 -11.70 -10.03 24.81
N PRO C 66 -11.01 -11.17 24.63
CA PRO C 66 -10.99 -12.20 25.68
C PRO C 66 -10.56 -11.65 27.03
N ILE C 67 -11.26 -12.10 28.08
CA ILE C 67 -11.05 -11.64 29.44
C ILE C 67 -10.85 -12.83 30.35
N MET C 68 -9.92 -12.68 31.30
CA MET C 68 -9.82 -13.62 32.42
C MET C 68 -10.71 -13.06 33.53
N HIS C 69 -11.98 -13.44 33.49
CA HIS C 69 -12.98 -12.78 34.34
C HIS C 69 -12.78 -13.11 35.82
N ASP C 70 -12.41 -14.35 36.13
CA ASP C 70 -12.32 -14.77 37.53
C ASP C 70 -11.14 -14.15 38.27
N ARG C 71 -10.22 -13.50 37.57
CA ARG C 71 -9.14 -12.78 38.25
C ARG C 71 -9.69 -11.74 39.21
N THR C 72 -10.85 -11.16 38.89
CA THR C 72 -11.46 -10.13 39.71
C THR C 72 -12.92 -10.45 39.99
N LYS C 73 -13.62 -9.50 40.60
CA LYS C 73 -15.04 -9.60 40.88
C LYS C 73 -15.90 -9.04 39.74
N ILE C 74 -15.34 -8.97 38.54
CA ILE C 74 -16.01 -8.28 37.42
C ILE C 74 -17.31 -8.96 37.02
N ARG C 75 -17.46 -10.25 37.30
CA ARG C 75 -18.68 -10.96 36.92
C ARG C 75 -19.91 -10.36 37.57
N GLN C 76 -19.77 -9.84 38.79
CA GLN C 76 -20.91 -9.31 39.54
C GLN C 76 -21.23 -7.87 39.17
N LEU C 77 -20.57 -7.30 38.17
CA LEU C 77 -20.85 -5.91 37.78
C LEU C 77 -22.28 -5.70 37.29
N PRO C 78 -22.80 -6.45 36.30
CA PRO C 78 -24.15 -6.13 35.81
C PRO C 78 -25.24 -6.43 36.82
N ASN C 79 -25.09 -7.49 37.62
CA ASN C 79 -26.05 -7.76 38.68
C ASN C 79 -26.00 -6.68 39.75
N LEU C 80 -24.84 -6.06 39.95
CA LEU C 80 -24.77 -4.89 40.83
C LEU C 80 -25.48 -3.70 40.20
N LEU C 81 -25.38 -3.55 38.87
CA LEU C 81 -26.01 -2.42 38.20
C LEU C 81 -27.52 -2.47 38.32
N ARG C 82 -28.13 -3.66 38.14
CA ARG C 82 -29.58 -3.76 38.19
C ARG C 82 -30.14 -3.45 39.56
N GLY C 83 -29.31 -3.53 40.60
CA GLY C 83 -29.76 -3.17 41.95
C GLY C 83 -30.14 -1.71 42.08
N TYR C 84 -29.77 -0.87 41.12
CA TYR C 84 -30.10 0.55 41.15
C TYR C 84 -31.27 0.81 40.22
N GLU C 85 -32.26 1.55 40.73
CA GLU C 85 -33.44 1.88 39.93
C GLU C 85 -33.07 2.63 38.66
N ASN C 86 -32.29 3.71 38.81
CA ASN C 86 -31.85 4.51 37.68
C ASN C 86 -30.36 4.27 37.47
N ILE C 87 -30.01 3.86 36.25
CA ILE C 87 -28.63 3.58 35.86
C ILE C 87 -28.39 4.19 34.49
N ARG C 88 -27.23 4.82 34.33
CA ARG C 88 -26.87 5.48 33.08
C ARG C 88 -25.36 5.54 32.96
N LEU C 89 -24.87 5.51 31.73
CA LEU C 89 -23.45 5.64 31.46
C LEU C 89 -23.12 7.10 31.16
N SER C 90 -21.91 7.51 31.55
CA SER C 90 -21.52 8.90 31.38
C SER C 90 -21.48 9.28 29.91
N THR C 91 -21.94 10.49 29.61
CA THR C 91 -21.96 10.96 28.22
C THR C 91 -20.57 11.32 27.73
N HIS C 92 -19.75 11.90 28.60
CA HIS C 92 -18.38 12.28 28.27
C HIS C 92 -17.41 11.33 28.94
N ASN C 93 -16.19 11.28 28.40
CA ASN C 93 -15.13 10.50 29.03
C ASN C 93 -14.78 11.09 30.38
N VAL C 94 -14.61 10.22 31.38
CA VAL C 94 -14.22 10.68 32.71
C VAL C 94 -12.87 11.37 32.65
N ILE C 95 -11.96 10.85 31.82
CA ILE C 95 -10.68 11.48 31.54
C ILE C 95 -10.38 11.31 30.05
N ASN C 96 -9.46 12.14 29.55
CA ASN C 96 -8.92 11.98 28.21
C ASN C 96 -7.61 11.20 28.34
N ALA C 97 -7.54 10.05 27.66
CA ALA C 97 -6.49 9.08 27.92
C ALA C 97 -5.18 9.35 27.19
N GLU C 98 -5.18 10.21 26.17
CA GLU C 98 -3.98 10.38 25.36
C GLU C 98 -2.87 11.11 26.12
N ARG C 99 -3.24 12.06 26.99
CA ARG C 99 -2.26 12.88 27.70
C ARG C 99 -2.09 12.45 29.16
N ALA C 100 -2.35 11.19 29.47
CA ALA C 100 -2.15 10.68 30.80
C ALA C 100 -0.66 10.60 31.11
N PRO C 101 -0.28 10.58 32.41
CA PRO C 101 1.12 10.42 32.76
C PRO C 101 1.70 9.14 32.17
N GLY C 102 2.90 9.27 31.60
CA GLY C 102 3.56 8.13 30.98
C GLY C 102 3.76 8.28 29.48
N GLY C 103 3.75 9.52 29.00
CA GLY C 103 3.94 9.78 27.58
C GLY C 103 2.63 9.74 26.82
N PRO C 104 2.63 10.31 25.61
CA PRO C 104 1.43 10.27 24.78
C PRO C 104 1.03 8.83 24.46
N TYR C 105 -0.27 8.57 24.47
CA TYR C 105 -0.81 7.24 24.26
C TYR C 105 -1.77 7.24 23.08
N ARG C 106 -1.73 6.15 22.31
CA ARG C 106 -2.77 5.87 21.33
C ARG C 106 -3.98 5.27 22.03
N LEU C 107 -5.14 5.36 21.37
CA LEU C 107 -6.37 4.77 21.87
C LEU C 107 -6.63 3.47 21.13
N GLY C 108 -6.75 2.37 21.88
CA GLY C 108 -6.75 1.05 21.28
C GLY C 108 -8.09 0.64 20.71
N THR C 109 -8.02 -0.18 19.66
CA THR C 109 -9.15 -0.87 19.08
C THR C 109 -8.76 -2.33 18.87
N SER C 110 -9.64 -3.12 18.29
CA SER C 110 -9.33 -4.53 18.08
C SER C 110 -10.32 -5.16 17.11
N GLY C 111 -9.84 -6.18 16.40
CA GLY C 111 -10.71 -6.91 15.49
C GLY C 111 -11.70 -7.82 16.21
N SER C 112 -11.33 -8.30 17.40
CA SER C 112 -12.26 -9.08 18.21
C SER C 112 -13.43 -8.25 18.72
N CYS C 113 -13.49 -6.98 18.34
CA CYS C 113 -14.45 -6.03 18.91
C CYS C 113 -15.02 -5.21 17.76
N PRO C 114 -15.77 -5.85 16.86
CA PRO C 114 -16.12 -5.19 15.59
C PRO C 114 -17.02 -3.99 15.80
N ASN C 115 -16.54 -2.83 15.35
CA ASN C 115 -17.30 -1.59 15.31
C ASN C 115 -18.01 -1.52 13.96
N VAL C 116 -19.33 -1.27 13.98
CA VAL C 116 -20.13 -1.51 12.78
C VAL C 116 -19.63 -0.67 11.61
N THR C 117 -18.89 0.40 11.89
CA THR C 117 -18.24 1.18 10.83
C THR C 117 -16.78 0.79 10.59
N SER C 118 -16.12 0.13 11.57
CA SER C 118 -14.70 -0.18 11.49
C SER C 118 -14.39 -1.57 12.05
N ARG C 119 -13.57 -2.37 11.30
CA ARG C 119 -13.31 -3.80 11.62
C ARG C 119 -12.62 -3.90 12.92
N ASN C 120 -12.10 -2.78 13.31
CA ASN C 120 -11.69 -2.50 14.65
C ASN C 120 -12.56 -1.58 15.52
N GLY C 121 -12.60 -1.83 16.84
CA GLY C 121 -13.29 -1.20 17.98
C GLY C 121 -12.83 -1.74 19.35
N PHE C 122 -13.40 -1.16 20.41
CA PHE C 122 -13.08 -1.47 21.80
C PHE C 122 -14.22 -1.00 22.69
N PHE C 123 -14.12 -1.35 23.97
CA PHE C 123 -15.05 -0.87 24.97
C PHE C 123 -15.15 0.65 24.93
N ALA C 124 -16.35 1.17 25.14
CA ALA C 124 -16.50 2.61 25.32
C ALA C 124 -16.19 3.07 26.73
N THR C 125 -16.10 2.14 27.69
CA THR C 125 -15.83 2.49 29.07
C THR C 125 -14.36 2.62 29.39
N MET C 126 -13.47 2.15 28.52
CA MET C 126 -12.04 2.12 28.81
C MET C 126 -11.25 2.53 27.57
N ALA C 127 -9.95 2.71 27.76
CA ALA C 127 -9.04 3.06 26.68
C ALA C 127 -7.72 2.33 26.89
N TRP C 128 -7.03 2.05 25.79
CA TRP C 128 -5.80 1.26 25.79
C TRP C 128 -4.61 2.20 25.66
N ALA C 129 -4.03 2.59 26.79
CA ALA C 129 -2.93 3.55 26.83
C ALA C 129 -1.64 2.83 26.46
N VAL C 130 -1.39 2.73 25.16
CA VAL C 130 -0.29 1.95 24.62
C VAL C 130 0.80 2.94 24.21
N PRO C 131 2.03 2.83 24.74
CA PRO C 131 3.01 3.89 24.52
C PRO C 131 3.45 4.00 23.07
N ARG C 132 3.89 5.20 22.72
CA ARG C 132 4.37 5.48 21.37
C ARG C 132 5.73 4.84 21.09
N LYS C 135 9.04 3.79 24.14
CA LYS C 135 9.19 2.43 24.64
C LYS C 135 10.36 2.32 25.60
N THR C 136 10.10 2.48 26.89
CA THR C 136 11.11 2.40 27.93
C THR C 136 10.43 2.02 29.23
N ALA C 137 11.18 1.39 30.13
CA ALA C 137 10.64 1.05 31.45
C ALA C 137 10.22 2.32 32.19
N THR C 138 9.13 2.21 32.93
CA THR C 138 8.52 3.37 33.57
C THR C 138 8.25 3.09 35.05
N ASN C 139 8.22 4.17 35.83
CA ASN C 139 7.86 4.10 37.23
C ASN C 139 6.35 3.95 37.40
N PRO C 140 5.90 3.49 38.56
CA PRO C 140 4.45 3.47 38.82
C PRO C 140 3.85 4.86 38.70
N LEU C 141 2.74 4.94 37.98
CA LEU C 141 2.08 6.20 37.68
C LEU C 141 0.74 6.28 38.41
N THR C 142 0.40 7.47 38.88
CA THR C 142 -0.76 7.69 39.73
C THR C 142 -1.78 8.56 39.00
N VAL C 143 -3.06 8.17 39.10
CA VAL C 143 -4.15 8.92 38.50
C VAL C 143 -5.32 8.99 39.48
N GLU C 144 -5.84 10.19 39.70
CA GLU C 144 -7.10 10.38 40.41
C GLU C 144 -8.25 10.34 39.42
N VAL C 145 -9.39 9.86 39.89
CA VAL C 145 -10.59 9.72 39.06
C VAL C 145 -11.69 10.58 39.65
N PRO C 146 -12.20 11.57 38.91
CA PRO C 146 -13.23 12.45 39.48
C PRO C 146 -14.58 11.76 39.57
N TYR C 147 -15.50 12.43 40.27
CA TYR C 147 -16.85 11.93 40.49
C TYR C 147 -17.86 12.52 39.50
N ILE C 148 -17.43 12.78 38.27
CA ILE C 148 -18.13 13.68 37.34
C ILE C 148 -19.64 13.45 37.30
N CYS C 149 -20.10 12.27 37.74
CA CYS C 149 -21.53 11.98 37.86
C CYS C 149 -22.24 13.00 38.76
N THR C 150 -23.56 12.98 38.79
CA THR C 150 -24.35 14.03 39.41
C THR C 150 -24.25 13.95 40.94
N LYS C 151 -25.08 14.74 41.62
CA LYS C 151 -24.89 15.01 43.04
C LYS C 151 -24.88 13.74 43.90
N GLY C 152 -25.78 12.81 43.64
CA GLY C 152 -25.94 11.69 44.55
C GLY C 152 -25.75 10.30 43.98
N GLU C 153 -25.79 10.16 42.67
CA GLU C 153 -25.73 8.85 42.04
C GLU C 153 -24.36 8.22 42.24
N ASP C 154 -24.36 6.98 42.74
CA ASP C 154 -23.11 6.26 42.92
C ASP C 154 -22.43 6.03 41.57
N GLN C 155 -21.11 6.20 41.55
CA GLN C 155 -20.33 6.06 40.33
C GLN C 155 -19.49 4.80 40.40
N ILE C 156 -19.72 3.88 39.48
CA ILE C 156 -18.87 2.70 39.30
C ILE C 156 -17.83 3.03 38.24
N THR C 157 -16.56 2.92 38.60
CA THR C 157 -15.45 3.16 37.69
C THR C 157 -14.88 1.81 37.26
N VAL C 158 -14.89 1.55 35.95
CA VAL C 158 -14.43 0.29 35.40
C VAL C 158 -13.05 0.48 34.79
N TRP C 159 -12.12 -0.41 35.14
CA TRP C 159 -10.75 -0.32 34.65
C TRP C 159 -10.20 -1.73 34.47
N GLY C 160 -8.94 -1.81 34.06
CA GLY C 160 -8.32 -3.10 33.85
C GLY C 160 -6.92 -2.96 33.30
N PHE C 161 -6.33 -4.10 32.95
CA PHE C 161 -4.99 -4.12 32.40
C PHE C 161 -4.85 -5.27 31.40
N HIS C 162 -3.98 -5.07 30.42
CA HIS C 162 -3.67 -6.08 29.42
C HIS C 162 -2.30 -6.69 29.70
N SER C 163 -2.15 -7.95 29.31
CA SER C 163 -0.85 -8.62 29.42
C SER C 163 -0.75 -9.63 28.29
N ASP C 164 0.38 -9.61 27.58
CA ASP C 164 0.62 -10.52 26.47
C ASP C 164 1.89 -11.32 26.76
N ASP C 165 2.30 -12.15 25.80
CA ASP C 165 3.50 -12.95 25.99
C ASP C 165 4.76 -12.09 25.81
N LYS C 166 5.90 -12.69 26.12
CA LYS C 166 7.13 -11.94 26.38
C LYS C 166 7.58 -11.13 25.18
N THR C 167 7.60 -11.75 23.99
CA THR C 167 8.11 -11.06 22.81
C THR C 167 7.19 -9.94 22.34
N GLN C 168 5.88 -10.07 22.54
CA GLN C 168 4.97 -8.98 22.18
C GLN C 168 4.88 -7.91 23.27
N MET C 169 5.02 -8.26 24.54
CA MET C 169 5.20 -7.25 25.57
C MET C 169 6.38 -6.34 25.25
N LYS C 170 7.41 -6.89 24.59
CA LYS C 170 8.53 -6.07 24.14
C LYS C 170 8.15 -5.18 22.96
N ASN C 171 7.40 -5.74 22.00
CA ASN C 171 6.92 -4.93 20.88
C ASN C 171 5.95 -3.86 21.37
N LEU C 172 5.09 -4.20 22.33
CA LEU C 172 4.09 -3.26 22.79
C LEU C 172 4.67 -2.28 23.80
N TYR C 173 5.38 -2.78 24.81
CA TYR C 173 5.76 -1.96 25.94
C TYR C 173 7.27 -1.97 26.04
N GLY C 174 7.80 -1.32 27.08
CA GLY C 174 9.21 -1.43 27.34
C GLY C 174 9.50 -2.36 28.51
N ASP C 175 8.72 -3.43 28.64
CA ASP C 175 8.84 -4.29 29.82
C ASP C 175 8.25 -5.65 29.54
N SER C 176 9.07 -6.71 29.65
CA SER C 176 8.58 -8.08 29.63
C SER C 176 8.36 -8.63 31.03
N ASN C 177 8.76 -7.90 32.07
CA ASN C 177 8.50 -8.31 33.43
C ASN C 177 7.02 -8.11 33.78
N PRO C 178 6.53 -8.78 34.82
CA PRO C 178 5.16 -8.52 35.28
C PRO C 178 5.00 -7.08 35.76
N GLN C 179 3.89 -6.48 35.39
CA GLN C 179 3.60 -5.09 35.73
C GLN C 179 2.73 -5.02 36.99
N LYS C 180 2.93 -3.95 37.75
CA LYS C 180 2.24 -3.75 39.02
C LYS C 180 1.06 -2.82 38.84
N PHE C 181 -0.05 -3.15 39.48
CA PHE C 181 -1.26 -2.33 39.43
C PHE C 181 -1.93 -2.34 40.79
N THR C 182 -2.59 -1.23 41.12
CA THR C 182 -3.33 -1.11 42.36
C THR C 182 -4.26 0.10 42.27
N SER C 183 -5.48 -0.07 42.78
CA SER C 183 -6.49 0.98 42.77
C SER C 183 -7.04 1.17 44.18
N SER C 184 -7.54 2.37 44.45
CA SER C 184 -8.05 2.68 45.77
C SER C 184 -9.15 3.73 45.65
N ALA C 185 -10.31 3.42 46.24
CA ALA C 185 -11.44 4.33 46.31
C ALA C 185 -12.39 3.83 47.39
N ASN C 186 -13.04 4.76 48.08
CA ASN C 186 -13.95 4.46 49.18
C ASN C 186 -13.25 3.68 50.30
N GLY C 187 -11.92 3.76 50.35
CA GLY C 187 -11.14 3.04 51.33
C GLY C 187 -10.73 1.63 50.91
N VAL C 188 -11.20 1.15 49.77
CA VAL C 188 -10.88 -0.19 49.28
C VAL C 188 -9.63 -0.10 48.41
N THR C 189 -8.53 -0.66 48.91
CA THR C 189 -7.23 -0.57 48.24
C THR C 189 -6.81 -1.96 47.81
N THR C 190 -6.84 -2.22 46.50
CA THR C 190 -6.49 -3.53 45.94
C THR C 190 -5.18 -3.47 45.20
N HIS C 191 -4.64 -4.64 44.87
CA HIS C 191 -3.39 -4.79 44.13
C HIS C 191 -3.59 -5.80 43.00
N TYR C 192 -2.69 -5.74 42.01
CA TYR C 192 -2.66 -6.71 40.94
C TYR C 192 -1.26 -6.81 40.37
N VAL C 193 -1.01 -7.88 39.62
CA VAL C 193 0.26 -8.10 38.94
C VAL C 193 -0.01 -8.95 37.70
N SER C 194 0.43 -8.46 36.54
CA SER C 194 0.05 -9.06 35.27
C SER C 194 0.72 -10.42 35.09
N GLN C 195 0.25 -11.14 34.07
CA GLN C 195 0.73 -12.50 33.76
C GLN C 195 1.33 -12.52 32.36
N ILE C 196 2.51 -13.12 32.24
CA ILE C 196 3.19 -13.31 30.96
C ILE C 196 3.25 -14.79 30.63
N GLY C 197 2.83 -15.14 29.42
CA GLY C 197 2.92 -16.50 28.93
C GLY C 197 1.87 -17.41 29.51
N ASP C 198 1.74 -18.59 28.89
CA ASP C 198 0.86 -19.64 29.36
C ASP C 198 -0.56 -19.13 29.55
N PHE C 199 -1.09 -18.50 28.52
CA PHE C 199 -2.41 -17.90 28.63
C PHE C 199 -3.48 -18.97 28.48
N PRO C 200 -4.54 -18.91 29.29
CA PRO C 200 -5.67 -19.83 29.09
C PRO C 200 -6.32 -19.56 27.74
N ASN C 201 -6.89 -20.61 27.14
CA ASN C 201 -7.75 -20.33 25.98
C ASN C 201 -8.84 -19.31 26.12
N GLN C 202 -9.23 -18.89 24.93
CA GLN C 202 -9.95 -17.67 24.69
C GLN C 202 -11.41 -18.00 24.95
N THR C 203 -11.96 -17.44 26.01
CA THR C 203 -13.28 -17.82 26.47
C THR C 203 -14.15 -16.59 26.52
N GLU C 204 -15.39 -16.74 26.06
CA GLU C 204 -16.38 -15.68 26.15
C GLU C 204 -15.91 -14.42 25.43
N ASP C 205 -15.37 -14.58 24.22
CA ASP C 205 -14.97 -13.42 23.43
C ASP C 205 -15.56 -13.43 22.02
N GLY C 206 -14.99 -12.56 21.17
CA GLY C 206 -15.29 -12.44 19.76
C GLY C 206 -14.71 -13.52 18.87
N GLY C 207 -13.99 -14.50 19.43
CA GLY C 207 -13.59 -15.66 18.68
C GLY C 207 -12.35 -15.50 17.82
N LEU C 208 -11.66 -14.37 17.90
CA LEU C 208 -10.52 -14.30 17.01
C LEU C 208 -9.23 -14.58 17.78
N PRO C 209 -8.35 -15.42 17.21
CA PRO C 209 -7.14 -15.82 17.95
C PRO C 209 -6.23 -14.65 18.24
N GLN C 210 -6.05 -14.38 19.53
CA GLN C 210 -5.18 -13.32 20.01
C GLN C 210 -3.97 -13.90 20.72
N SER C 211 -3.00 -13.03 20.99
CA SER C 211 -1.79 -13.41 21.73
C SER C 211 -1.88 -13.08 23.21
N GLY C 212 -2.57 -12.01 23.59
CA GLY C 212 -2.64 -11.57 24.96
C GLY C 212 -4.00 -11.82 25.61
N ARG C 213 -4.14 -11.29 26.82
CA ARG C 213 -5.35 -11.46 27.61
C ARG C 213 -5.65 -10.16 28.34
N ILE C 214 -6.88 -10.06 28.85
CA ILE C 214 -7.39 -8.87 29.50
C ILE C 214 -7.97 -9.24 30.85
N VAL C 215 -7.67 -8.42 31.86
CA VAL C 215 -8.26 -8.53 33.20
C VAL C 215 -9.02 -7.24 33.47
N VAL C 216 -10.26 -7.38 33.95
CA VAL C 216 -11.14 -6.24 34.17
C VAL C 216 -11.59 -6.22 35.63
N ASP C 217 -11.59 -5.03 36.22
CA ASP C 217 -12.08 -4.81 37.58
C ASP C 217 -12.80 -3.47 37.63
N TYR C 218 -13.59 -3.27 38.68
CA TYR C 218 -14.30 -2.01 38.84
C TYR C 218 -14.20 -1.54 40.29
N MET C 219 -14.11 -0.23 40.46
CA MET C 219 -14.19 0.41 41.77
C MET C 219 -15.36 1.36 41.78
N VAL C 220 -16.12 1.36 42.88
CA VAL C 220 -17.29 2.21 43.04
C VAL C 220 -16.87 3.45 43.82
N GLN C 221 -17.38 4.60 43.41
CA GLN C 221 -17.07 5.87 44.06
C GLN C 221 -18.35 6.49 44.60
N LYS C 222 -18.39 6.72 45.91
CA LYS C 222 -19.53 7.35 46.55
C LYS C 222 -19.64 8.80 46.09
N PRO C 223 -20.81 9.42 46.27
CA PRO C 223 -20.99 10.80 45.81
C PRO C 223 -19.93 11.75 46.37
N GLY C 224 -19.27 12.47 45.46
CA GLY C 224 -18.29 13.48 45.78
C GLY C 224 -16.86 12.97 45.83
N LYS C 225 -16.66 11.68 46.12
CA LYS C 225 -15.33 11.15 46.35
C LYS C 225 -14.64 10.80 45.05
N THR C 226 -13.31 10.66 45.14
CA THR C 226 -12.47 10.37 43.99
C THR C 226 -11.91 8.96 44.08
N GLY C 227 -11.47 8.46 42.93
CA GLY C 227 -10.81 7.16 42.85
C GLY C 227 -9.37 7.32 42.42
N THR C 228 -8.54 6.36 42.83
CA THR C 228 -7.11 6.39 42.53
C THR C 228 -6.69 5.07 41.90
N ILE C 229 -5.78 5.14 40.93
CA ILE C 229 -5.30 3.96 40.23
C ILE C 229 -3.80 4.12 40.01
N VAL C 230 -3.01 3.21 40.59
CA VAL C 230 -1.58 3.15 40.35
C VAL C 230 -1.32 2.01 39.38
N TYR C 231 -0.49 2.25 38.38
CA TYR C 231 -0.38 1.34 37.25
C TYR C 231 1.01 1.41 36.64
N GLN C 232 1.29 0.42 35.78
CA GLN C 232 2.50 0.38 34.96
C GLN C 232 2.08 0.12 33.52
N ARG C 233 3.04 -0.24 32.67
CA ARG C 233 2.74 -0.55 31.27
C ARG C 233 1.62 -1.58 31.16
N GLY C 234 0.75 -1.40 30.18
CA GLY C 234 -0.35 -2.33 29.96
C GLY C 234 -1.66 -1.95 30.60
N VAL C 235 -1.81 -0.70 31.01
CA VAL C 235 -3.00 -0.27 31.74
C VAL C 235 -4.13 0.03 30.76
N LEU C 236 -5.35 -0.27 31.17
CA LEU C 236 -6.56 0.13 30.46
C LEU C 236 -7.18 1.30 31.21
N LEU C 237 -7.00 2.51 30.67
CA LEU C 237 -7.52 3.70 31.34
C LEU C 237 -9.01 3.86 31.07
N PRO C 238 -9.78 4.29 32.06
CA PRO C 238 -11.23 4.37 31.90
C PRO C 238 -11.67 5.62 31.16
N GLN C 239 -12.72 5.48 30.35
CA GLN C 239 -13.34 6.62 29.67
C GLN C 239 -14.77 6.85 30.13
N LYS C 240 -15.65 5.86 29.98
CA LYS C 240 -17.05 6.01 30.35
C LYS C 240 -17.30 5.30 31.68
N VAL C 241 -17.72 6.06 32.68
CA VAL C 241 -18.00 5.53 34.01
C VAL C 241 -19.50 5.52 34.22
N TRP C 242 -19.96 4.57 35.04
CA TRP C 242 -21.38 4.42 35.31
C TRP C 242 -21.84 5.42 36.35
N CYS C 243 -23.03 5.97 36.15
CA CYS C 243 -23.71 6.81 37.14
C CYS C 243 -25.02 6.12 37.49
N ALA C 244 -25.08 5.51 38.68
CA ALA C 244 -26.22 4.71 39.10
C ALA C 244 -26.84 5.29 40.36
N SER C 245 -28.17 5.33 40.39
CA SER C 245 -28.91 5.85 41.53
C SER C 245 -30.17 5.02 41.74
N GLY C 246 -30.86 5.29 42.84
CA GLY C 246 -32.10 4.61 43.14
C GLY C 246 -31.87 3.17 43.54
N ARG C 247 -32.97 2.52 43.92
CA ARG C 247 -32.94 1.11 44.31
C ARG C 247 -34.06 0.38 43.57
N SER C 248 -33.73 -0.78 43.00
CA SER C 248 -34.69 -1.63 42.33
C SER C 248 -34.74 -2.97 43.05
N LYS C 249 -35.96 -3.44 43.35
CA LYS C 249 -36.12 -4.75 43.96
C LYS C 249 -35.58 -5.83 43.03
N VAL C 250 -34.95 -6.83 43.61
CA VAL C 250 -34.31 -7.91 42.87
C VAL C 250 -34.90 -9.23 43.30
N ILE C 251 -35.26 -10.07 42.34
CA ILE C 251 -35.81 -11.39 42.62
C ILE C 251 -35.05 -12.47 41.86
#